data_7WKV
#
_entry.id   7WKV
#
_cell.length_a   78.364
_cell.length_b   78.364
_cell.length_c   106.688
_cell.angle_alpha   90.000
_cell.angle_beta   90.000
_cell.angle_gamma   120.000
#
_symmetry.space_group_name_H-M   'P 32'
#
loop_
_entity.id
_entity.type
_entity.pdbx_description
1 polymer 'RNA demethylase ALKBH5'
2 polymer "RNA (5'-R(P*GP*GP*(6MZ)P*C)-3')"
3 non-polymer 'MANGANESE (II) ION'
4 non-polymer '2-OXOGLUTARIC ACID'
5 water water
#
loop_
_entity_poly.entity_id
_entity_poly.type
_entity_poly.pdbx_seq_one_letter_code
_entity_poly.pdbx_strand_id
1 'polypeptide(L)'
;SQQLQKEEEARKVKSGIRQMRLFSQDECAKIEARIDEVVSRAEKGLYNEHTVDRAPLRNKYFFGEGYTYGAQLQKRGPGQ
ERLYPPGDVDEIPEWVHQLVIQKLVEHRVIPEGFVNSAVINDYQPGGCIVSHVDPIHIFERPIVSVSFFSDSALCFGCKF
QFKPIRVSEPVLSLPVRRGSVTVLSGYAADEITHCIRPQDIKERRAVIILRKTRLDAPRL
;
A,C,E
2 'polyribonucleotide' UGG(6MZ)CUGC B,D,F
#
# COMPACT_ATOMS: atom_id res chain seq x y z
N GLN A 2 6.64 32.43 7.26
CA GLN A 2 5.44 33.18 6.91
C GLN A 2 4.48 32.34 6.07
N GLN A 3 3.20 32.35 6.44
CA GLN A 3 2.20 31.70 5.60
C GLN A 3 2.20 32.34 4.22
N LEU A 4 2.53 33.63 4.16
CA LEU A 4 2.65 34.31 2.88
C LEU A 4 3.78 33.72 2.04
N GLN A 5 4.90 33.38 2.68
CA GLN A 5 6.05 32.84 1.96
C GLN A 5 5.77 31.47 1.37
N LYS A 6 5.23 30.54 2.17
CA LYS A 6 4.97 29.20 1.66
C LYS A 6 3.88 29.20 0.59
N GLU A 7 2.86 30.04 0.76
CA GLU A 7 1.79 30.11 -0.23
C GLU A 7 2.29 30.65 -1.56
N GLU A 8 3.26 31.57 -1.53
CA GLU A 8 3.78 32.13 -2.78
C GLU A 8 4.58 31.11 -3.58
N GLU A 9 5.49 30.38 -2.94
CA GLU A 9 6.31 29.41 -3.67
C GLU A 9 5.46 28.29 -4.24
N ALA A 10 4.53 27.77 -3.45
CA ALA A 10 3.62 26.74 -3.97
C ALA A 10 2.77 27.30 -5.10
N ARG A 11 2.42 28.59 -5.01
CA ARG A 11 1.72 29.24 -6.11
C ARG A 11 2.60 29.34 -7.35
N LYS A 12 3.89 29.64 -7.16
CA LYS A 12 4.83 29.69 -8.28
C LYS A 12 5.00 28.31 -8.91
N VAL A 13 5.09 27.26 -8.10
CA VAL A 13 5.27 25.92 -8.64
C VAL A 13 4.05 25.49 -9.43
N LYS A 14 2.84 25.77 -8.92
CA LYS A 14 1.63 25.40 -9.62
C LYS A 14 1.51 26.10 -10.97
N SER A 15 2.09 27.31 -11.08
CA SER A 15 1.98 28.10 -12.30
C SER A 15 2.66 27.42 -13.48
N GLY A 16 3.69 26.62 -13.24
CA GLY A 16 4.42 25.97 -14.31
C GLY A 16 3.99 24.55 -14.62
N ILE A 17 2.87 24.10 -14.09
CA ILE A 17 2.42 22.72 -14.21
C ILE A 17 1.18 22.67 -15.10
N ARG A 18 1.23 21.83 -16.14
CA ARG A 18 0.07 21.45 -16.93
C ARG A 18 -0.11 19.94 -16.79
N GLN A 19 -1.35 19.49 -16.64
CA GLN A 19 -1.59 18.06 -16.47
C GLN A 19 -3.01 17.72 -16.92
N MET A 20 -3.12 16.75 -17.84
CA MET A 20 -4.40 16.29 -18.34
C MET A 20 -4.32 14.84 -18.79
N ARG A 21 -5.44 14.13 -18.65
CA ARG A 21 -5.56 12.79 -19.20
C ARG A 21 -5.60 12.85 -20.73
N LEU A 22 -4.70 12.13 -21.40
CA LEU A 22 -4.69 12.13 -22.86
C LEU A 22 -4.68 10.74 -23.49
N PHE A 23 -4.31 9.69 -22.77
CA PHE A 23 -4.23 8.36 -23.32
C PHE A 23 -5.24 7.44 -22.64
N SER A 24 -6.04 6.74 -23.44
CA SER A 24 -7.03 5.81 -22.93
C SER A 24 -6.36 4.53 -22.44
N GLN A 25 -7.16 3.68 -21.78
CA GLN A 25 -6.62 2.42 -21.26
C GLN A 25 -6.10 1.53 -22.38
N ASP A 26 -6.82 1.48 -23.51
CA ASP A 26 -6.35 0.70 -24.65
C ASP A 26 -5.05 1.27 -25.21
N GLU A 27 -4.95 2.59 -25.27
CA GLU A 27 -3.77 3.23 -25.82
C GLU A 27 -2.57 3.06 -24.91
N CYS A 28 -2.79 3.11 -23.59
CA CYS A 28 -1.73 2.79 -22.64
C CYS A 28 -1.30 1.33 -22.80
N ALA A 29 -2.27 0.43 -22.97
CA ALA A 29 -1.96 -0.98 -23.11
C ALA A 29 -1.10 -1.23 -24.34
N LYS A 30 -1.38 -0.53 -25.44
CA LYS A 30 -0.55 -0.66 -26.63
C LYS A 30 0.85 -0.10 -26.40
N ILE A 31 0.94 1.08 -25.77
CA ILE A 31 2.25 1.69 -25.50
C ILE A 31 3.00 0.90 -24.43
N GLU A 32 2.31 0.46 -23.38
CA GLU A 32 2.96 -0.31 -22.33
C GLU A 32 3.51 -1.62 -22.89
N ALA A 33 2.82 -2.22 -23.85
CA ALA A 33 3.35 -3.41 -24.51
C ALA A 33 4.64 -3.09 -25.25
N ARG A 34 4.71 -1.93 -25.89
CA ARG A 34 5.93 -1.54 -26.59
C ARG A 34 7.07 -1.29 -25.59
N ILE A 35 6.72 -0.74 -24.42
CA ILE A 35 7.71 -0.51 -23.36
C ILE A 35 8.28 -1.84 -22.87
N ASP A 36 7.43 -2.85 -22.75
CA ASP A 36 7.91 -4.18 -22.37
C ASP A 36 8.86 -4.72 -23.42
N GLU A 37 8.59 -4.45 -24.70
CA GLU A 37 9.50 -4.89 -25.75
C GLU A 37 10.82 -4.13 -25.69
N VAL A 38 10.78 -2.87 -25.23
CA VAL A 38 12.02 -2.12 -25.04
C VAL A 38 12.90 -2.78 -23.99
N VAL A 39 12.29 -3.23 -22.89
CA VAL A 39 13.05 -3.93 -21.85
C VAL A 39 13.63 -5.22 -22.41
N SER A 40 12.85 -5.97 -23.19
CA SER A 40 13.32 -7.23 -23.74
C SER A 40 14.50 -7.04 -24.69
N ARG A 41 14.43 -6.02 -25.55
CA ARG A 41 15.53 -5.77 -26.48
C ARG A 41 16.80 -5.36 -25.75
N ALA A 42 16.67 -4.63 -24.63
CA ALA A 42 17.84 -4.28 -23.84
C ALA A 42 18.50 -5.52 -23.27
N GLU A 43 17.70 -6.45 -22.75
CA GLU A 43 18.24 -7.68 -22.19
C GLU A 43 18.74 -8.64 -23.27
N LYS A 44 18.36 -8.44 -24.54
CA LYS A 44 18.98 -9.20 -25.63
C LYS A 44 20.18 -8.48 -26.24
N GLY A 45 20.59 -7.34 -25.68
CA GLY A 45 21.77 -6.68 -26.18
C GLY A 45 21.66 -6.05 -27.55
N LEU A 46 20.44 -5.75 -28.00
CA LEU A 46 20.25 -5.17 -29.32
C LEU A 46 20.43 -3.66 -29.35
N TYR A 47 20.61 -3.04 -28.19
CA TYR A 47 20.77 -1.60 -28.07
C TYR A 47 22.23 -1.24 -27.89
N ASN A 48 22.60 -0.04 -28.36
CA ASN A 48 23.93 0.50 -28.11
C ASN A 48 24.20 0.57 -26.62
N GLU A 49 25.48 0.61 -26.28
CA GLU A 49 25.90 0.50 -24.89
C GLU A 49 25.26 1.59 -24.03
N HIS A 50 25.35 2.84 -24.47
CA HIS A 50 24.90 3.96 -23.66
C HIS A 50 23.39 4.19 -23.73
N THR A 51 22.69 3.46 -24.61
CA THR A 51 21.24 3.55 -24.65
C THR A 51 20.60 3.09 -23.35
N VAL A 52 21.20 2.10 -22.69
CA VAL A 52 20.61 1.49 -21.51
C VAL A 52 21.41 1.92 -20.28
N ASP A 53 20.72 2.55 -19.34
CA ASP A 53 21.29 2.95 -18.06
C ASP A 53 20.54 2.19 -16.98
N ARG A 54 21.26 1.36 -16.23
CA ARG A 54 20.66 0.45 -15.27
C ARG A 54 21.05 0.84 -13.85
N ALA A 55 20.07 0.82 -12.96
CA ALA A 55 20.23 1.07 -11.54
C ALA A 55 19.41 0.03 -10.82
N PRO A 56 19.64 -0.18 -9.51
CA PRO A 56 18.92 -1.24 -8.79
C PRO A 56 17.43 -1.32 -9.06
N LEU A 57 16.70 -0.21 -8.88
CA LEU A 57 15.25 -0.22 -9.03
C LEU A 57 14.76 0.72 -10.13
N ARG A 58 15.63 1.10 -11.06
CA ARG A 58 15.24 2.05 -12.10
C ARG A 58 16.20 1.91 -13.28
N ASN A 59 15.64 1.71 -14.47
CA ASN A 59 16.40 1.71 -15.70
C ASN A 59 15.98 2.89 -16.57
N LYS A 60 16.96 3.54 -17.19
CA LYS A 60 16.71 4.61 -18.15
C LYS A 60 17.11 4.13 -19.53
N TYR A 61 16.20 4.29 -20.50
CA TYR A 61 16.47 3.93 -21.88
C TYR A 61 16.48 5.22 -22.69
N PHE A 62 17.66 5.61 -23.18
CA PHE A 62 17.84 6.87 -23.88
C PHE A 62 17.69 6.66 -25.37
N PHE A 63 16.82 7.46 -26.00
CA PHE A 63 16.61 7.43 -27.43
C PHE A 63 16.71 8.85 -27.97
N GLY A 64 17.26 8.99 -29.18
CA GLY A 64 17.44 10.30 -29.75
C GLY A 64 18.62 11.04 -29.13
N GLU A 65 18.50 11.38 -27.84
CA GLU A 65 19.60 11.97 -27.11
C GLU A 65 19.58 11.44 -25.67
N GLY A 66 20.77 11.12 -25.16
CA GLY A 66 20.92 10.70 -23.78
C GLY A 66 21.85 11.64 -23.03
N TYR A 67 21.91 11.46 -21.72
CA TYR A 67 22.67 12.35 -20.86
C TYR A 67 23.36 11.56 -19.76
N THR A 68 24.43 12.14 -19.22
CA THR A 68 25.15 11.59 -18.08
C THR A 68 24.79 12.38 -16.83
N TYR A 69 24.66 11.67 -15.71
CA TYR A 69 24.16 12.29 -14.49
C TYR A 69 24.76 11.57 -13.28
N GLY A 70 24.75 12.28 -12.15
CA GLY A 70 25.06 11.65 -10.88
C GLY A 70 26.47 11.09 -10.83
N ALA A 71 26.56 9.82 -10.43
CA ALA A 71 27.86 9.18 -10.22
C ALA A 71 28.66 9.05 -11.50
N GLN A 72 28.03 9.19 -12.66
CA GLN A 72 28.76 9.14 -13.92
C GLN A 72 29.52 10.41 -14.19
N LEU A 73 29.35 11.44 -13.35
CA LEU A 73 30.02 12.72 -13.50
C LEU A 73 31.18 12.80 -12.53
N GLN A 74 32.37 13.13 -13.04
CA GLN A 74 33.49 13.49 -12.18
C GLN A 74 33.35 14.94 -11.75
N LYS A 75 33.50 15.20 -10.45
CA LYS A 75 33.28 16.53 -9.87
C LYS A 75 31.89 17.06 -10.23
N ARG A 76 30.90 16.42 -9.63
CA ARG A 76 29.51 16.69 -9.93
C ARG A 76 29.13 18.09 -9.46
N GLY A 77 28.48 18.85 -10.36
CA GLY A 77 28.07 20.19 -10.03
C GLY A 77 27.19 20.75 -11.14
N PRO A 78 26.72 21.98 -10.96
CA PRO A 78 25.89 22.61 -12.00
C PRO A 78 26.66 22.73 -13.30
N GLY A 79 26.01 22.31 -14.39
CA GLY A 79 26.62 22.39 -15.70
C GLY A 79 27.54 21.24 -16.06
N GLN A 80 27.66 20.22 -15.23
CA GLN A 80 28.58 19.13 -15.50
C GLN A 80 27.94 17.99 -16.29
N GLU A 81 26.63 18.02 -16.50
CA GLU A 81 25.98 17.00 -17.32
C GLU A 81 26.38 17.15 -18.78
N ARG A 82 26.37 16.03 -19.50
CA ARG A 82 26.78 16.01 -20.90
C ARG A 82 25.87 15.11 -21.71
N LEU A 83 25.74 15.42 -23.00
CA LEU A 83 25.14 14.52 -23.96
C LEU A 83 26.17 13.51 -24.46
N TYR A 84 25.67 12.36 -24.92
CA TYR A 84 26.52 11.38 -25.55
C TYR A 84 26.92 11.84 -26.95
N PRO A 85 28.00 11.32 -27.51
CA PRO A 85 28.42 11.75 -28.84
C PRO A 85 27.33 11.48 -29.87
N PRO A 86 27.29 12.24 -30.96
CA PRO A 86 26.20 12.08 -31.92
C PRO A 86 26.11 10.66 -32.45
N GLY A 87 24.88 10.15 -32.51
CA GLY A 87 24.64 8.80 -32.98
C GLY A 87 24.98 7.71 -32.01
N ASP A 88 25.35 8.05 -30.77
CA ASP A 88 25.71 7.02 -29.79
C ASP A 88 24.48 6.25 -29.33
N VAL A 89 23.51 6.95 -28.74
CA VAL A 89 22.28 6.27 -28.32
C VAL A 89 21.43 5.95 -29.55
N ASP A 90 20.55 4.96 -29.38
CA ASP A 90 19.71 4.49 -30.47
C ASP A 90 18.69 5.55 -30.86
N GLU A 91 18.16 5.42 -32.06
CA GLU A 91 17.17 6.34 -32.59
C GLU A 91 15.87 6.23 -31.81
N ILE A 92 15.08 7.30 -31.87
CA ILE A 92 13.74 7.23 -31.27
C ILE A 92 12.90 6.20 -32.02
N PRO A 93 12.32 5.23 -31.34
CA PRO A 93 11.55 4.19 -32.05
C PRO A 93 10.36 4.78 -32.77
N GLU A 94 10.00 4.15 -33.89
CA GLU A 94 8.89 4.64 -34.69
C GLU A 94 7.57 4.58 -33.92
N TRP A 95 7.41 3.60 -33.03
CA TRP A 95 6.19 3.54 -32.24
C TRP A 95 6.09 4.71 -31.27
N VAL A 96 7.23 5.21 -30.79
CA VAL A 96 7.21 6.42 -29.98
C VAL A 96 6.73 7.61 -30.81
N HIS A 97 7.22 7.71 -32.05
CA HIS A 97 6.78 8.78 -32.94
C HIS A 97 5.28 8.68 -33.23
N GLN A 98 4.83 7.49 -33.64
CA GLN A 98 3.45 7.34 -34.09
C GLN A 98 2.46 7.41 -32.93
N LEU A 99 2.74 6.71 -31.84
CA LEU A 99 1.77 6.58 -30.76
C LEU A 99 1.85 7.71 -29.74
N VAL A 100 3.06 8.14 -29.36
CA VAL A 100 3.19 9.10 -28.27
C VAL A 100 3.27 10.52 -28.81
N ILE A 101 4.30 10.81 -29.62
CA ILE A 101 4.57 12.18 -30.02
C ILE A 101 3.49 12.72 -30.93
N GLN A 102 2.91 11.87 -31.80
CA GLN A 102 1.88 12.33 -32.71
C GLN A 102 0.70 12.92 -31.94
N LYS A 103 0.28 12.25 -30.87
CA LYS A 103 -0.83 12.77 -30.07
C LYS A 103 -0.47 14.08 -29.39
N LEU A 104 0.77 14.20 -28.90
CA LEU A 104 1.19 15.44 -28.27
C LEU A 104 1.21 16.59 -29.26
N VAL A 105 1.69 16.35 -30.48
CA VAL A 105 1.71 17.38 -31.50
C VAL A 105 0.29 17.72 -31.94
N GLU A 106 -0.55 16.70 -32.13
CA GLU A 106 -1.92 16.93 -32.58
C GLU A 106 -2.74 17.68 -31.53
N HIS A 107 -2.51 17.39 -30.24
CA HIS A 107 -3.21 18.08 -29.17
C HIS A 107 -2.47 19.33 -28.69
N ARG A 108 -1.57 19.87 -29.50
CA ARG A 108 -0.97 21.18 -29.28
C ARG A 108 -0.16 21.25 -27.98
N VAL A 109 0.26 20.10 -27.45
CA VAL A 109 1.08 20.11 -26.25
C VAL A 109 2.44 20.72 -26.53
N ILE A 110 3.06 20.32 -27.64
CA ILE A 110 4.34 20.88 -28.07
C ILE A 110 4.33 21.04 -29.58
N PRO A 111 5.15 21.94 -30.11
CA PRO A 111 5.22 22.10 -31.57
C PRO A 111 5.81 20.87 -32.22
N GLU A 112 5.42 20.66 -33.48
CA GLU A 112 5.99 19.57 -34.25
C GLU A 112 7.48 19.83 -34.51
N GLY A 113 8.28 18.78 -34.42
CA GLY A 113 9.72 18.90 -34.52
C GLY A 113 10.39 19.36 -33.25
N PHE A 114 9.63 19.55 -32.16
CA PHE A 114 10.23 19.97 -30.90
C PHE A 114 11.02 18.84 -30.27
N VAL A 115 10.46 17.63 -30.27
CA VAL A 115 11.04 16.51 -29.53
C VAL A 115 12.17 15.90 -30.34
N ASN A 116 13.33 15.74 -29.70
CA ASN A 116 14.44 14.98 -30.28
C ASN A 116 15.06 14.02 -29.27
N SER A 117 14.41 13.79 -28.14
CA SER A 117 14.94 12.93 -27.09
C SER A 117 13.78 12.27 -26.37
N ALA A 118 13.71 10.94 -26.41
CA ALA A 118 12.68 10.19 -25.71
C ALA A 118 13.37 9.25 -24.73
N VAL A 119 13.18 9.51 -23.44
CA VAL A 119 13.80 8.72 -22.38
C VAL A 119 12.69 8.01 -21.62
N ILE A 120 12.84 6.70 -21.45
CA ILE A 120 11.88 5.88 -20.73
C ILE A 120 12.50 5.50 -19.39
N ASN A 121 11.84 5.90 -18.31
CA ASN A 121 12.26 5.49 -16.97
C ASN A 121 11.36 4.35 -16.51
N ASP A 122 11.96 3.20 -16.25
CA ASP A 122 11.23 2.01 -15.82
C ASP A 122 11.52 1.84 -14.33
N TYR A 123 10.51 2.07 -13.50
CA TYR A 123 10.67 1.99 -12.05
C TYR A 123 10.12 0.67 -11.56
N GLN A 124 10.95 -0.06 -10.81
CA GLN A 124 10.50 -1.21 -10.06
C GLN A 124 9.85 -0.75 -8.75
N PRO A 125 9.02 -1.58 -8.14
CA PRO A 125 8.37 -1.18 -6.89
C PRO A 125 9.40 -0.73 -5.85
N GLY A 126 9.15 0.45 -5.27
CA GLY A 126 10.08 1.06 -4.34
C GLY A 126 11.10 1.98 -4.98
N GLY A 127 11.11 2.10 -6.31
CA GLY A 127 12.08 2.92 -6.98
C GLY A 127 11.85 4.40 -6.76
N CYS A 128 12.85 5.19 -7.15
CA CYS A 128 12.80 6.64 -6.96
C CYS A 128 13.79 7.30 -7.90
N ILE A 129 13.76 8.63 -7.93
CA ILE A 129 14.80 9.43 -8.55
C ILE A 129 15.07 10.62 -7.62
N VAL A 130 16.34 10.93 -7.43
CA VAL A 130 16.73 11.96 -6.47
C VAL A 130 16.36 13.33 -7.01
N SER A 131 16.01 14.24 -6.08
CA SER A 131 15.58 15.58 -6.44
C SER A 131 16.60 16.26 -7.34
N HIS A 132 16.12 16.85 -8.42
CA HIS A 132 17.01 17.44 -9.41
C HIS A 132 16.25 18.42 -10.27
N VAL A 133 17.00 19.28 -10.95
CA VAL A 133 16.50 20.12 -12.04
C VAL A 133 17.08 19.57 -13.33
N ASP A 134 16.22 19.31 -14.32
CA ASP A 134 16.72 18.89 -15.61
C ASP A 134 17.68 19.96 -16.11
N PRO A 135 18.95 19.62 -16.39
CA PRO A 135 19.97 20.62 -16.71
C PRO A 135 19.55 21.74 -17.66
N ILE A 136 19.60 22.97 -17.20
CA ILE A 136 19.16 24.05 -18.07
C ILE A 136 20.08 24.18 -19.28
N HIS A 137 21.35 23.81 -19.14
CA HIS A 137 22.30 23.92 -20.24
C HIS A 137 22.15 22.80 -21.26
N ILE A 138 21.33 21.79 -20.98
CA ILE A 138 21.16 20.64 -21.87
C ILE A 138 19.81 20.69 -22.58
N PHE A 139 18.73 20.89 -21.84
CA PHE A 139 17.38 20.71 -22.34
C PHE A 139 16.64 22.04 -22.43
N GLU A 140 15.96 22.26 -23.54
CA GLU A 140 14.99 23.35 -23.62
C GLU A 140 13.73 22.98 -22.85
N ARG A 141 12.94 24.00 -22.55
CA ARG A 141 11.64 23.85 -21.92
C ARG A 141 10.53 24.02 -22.96
N PRO A 142 9.35 23.44 -22.72
CA PRO A 142 8.89 22.66 -21.55
C PRO A 142 9.33 21.20 -21.54
N ILE A 143 9.08 20.53 -20.43
CA ILE A 143 9.40 19.12 -20.23
C ILE A 143 8.09 18.34 -20.17
N VAL A 144 7.93 17.38 -21.09
CA VAL A 144 6.70 16.62 -21.24
C VAL A 144 6.97 15.16 -20.86
N SER A 145 6.08 14.58 -20.06
CA SER A 145 6.22 13.20 -19.63
C SER A 145 4.86 12.53 -19.57
N VAL A 146 4.80 11.28 -20.01
CA VAL A 146 3.56 10.49 -20.01
C VAL A 146 3.79 9.24 -19.16
N SER A 147 2.89 9.01 -18.21
CA SER A 147 3.03 7.97 -17.22
C SER A 147 2.30 6.70 -17.64
N PHE A 148 2.80 5.56 -17.16
CA PHE A 148 2.25 4.26 -17.55
C PHE A 148 2.42 3.25 -16.43
N PHE A 149 1.62 2.18 -16.53
CA PHE A 149 1.66 0.97 -15.71
C PHE A 149 1.13 1.14 -14.29
N SER A 150 0.92 2.38 -13.84
CA SER A 150 0.41 2.63 -12.50
C SER A 150 0.30 4.14 -12.30
N ASP A 151 -0.34 4.53 -11.21
CA ASP A 151 -0.46 5.91 -10.78
C ASP A 151 0.58 6.20 -9.70
N SER A 152 1.06 7.44 -9.68
CA SER A 152 2.08 7.85 -8.72
C SER A 152 1.97 9.35 -8.50
N ALA A 153 2.99 9.93 -7.88
CA ALA A 153 3.03 11.35 -7.59
C ALA A 153 4.41 11.90 -7.95
N LEU A 154 4.43 13.14 -8.41
CA LEU A 154 5.66 13.87 -8.71
C LEU A 154 5.80 14.99 -7.68
N CYS A 155 6.82 14.89 -6.84
CA CYS A 155 7.02 15.83 -5.75
C CYS A 155 8.08 16.86 -6.12
N PHE A 156 8.00 18.03 -5.48
CA PHE A 156 8.85 19.16 -5.80
C PHE A 156 9.51 19.68 -4.53
N GLY A 157 10.74 20.16 -4.68
CA GLY A 157 11.46 20.75 -3.58
C GLY A 157 11.82 19.81 -2.45
N CYS A 158 11.88 18.51 -2.71
CA CYS A 158 12.21 17.54 -1.67
C CYS A 158 13.72 17.50 -1.43
N LYS A 159 14.09 17.22 -0.19
CA LYS A 159 15.47 17.01 0.21
C LYS A 159 15.69 15.54 0.53
N PHE A 160 16.75 14.97 -0.02
CA PHE A 160 17.03 13.55 0.12
C PHE A 160 18.11 13.32 1.18
N GLN A 161 17.84 12.36 2.07
CA GLN A 161 18.84 11.82 2.99
C GLN A 161 18.97 10.33 2.73
N PHE A 162 20.13 9.77 3.06
CA PHE A 162 20.46 8.42 2.65
C PHE A 162 20.92 7.59 3.85
N LYS A 163 20.93 6.27 3.66
CA LYS A 163 21.31 5.28 4.66
C LYS A 163 20.45 5.39 5.92
N PRO A 164 19.16 5.08 5.86
CA PRO A 164 18.41 4.69 4.66
C PRO A 164 17.87 5.92 3.94
N ILE A 165 17.21 5.73 2.80
CA ILE A 165 16.70 6.86 2.04
C ILE A 165 15.56 7.50 2.80
N ARG A 166 15.67 8.81 3.05
CA ARG A 166 14.67 9.58 3.76
C ARG A 166 14.40 10.87 2.98
N VAL A 167 13.13 11.19 2.79
CA VAL A 167 12.71 12.35 2.00
C VAL A 167 11.93 13.28 2.89
N SER A 168 12.25 14.58 2.83
CA SER A 168 11.55 15.59 3.61
C SER A 168 10.17 15.86 3.02
N GLU A 169 9.40 16.70 3.69
CA GLU A 169 8.05 17.03 3.22
C GLU A 169 8.12 17.82 1.92
N PRO A 170 7.44 17.36 0.87
CA PRO A 170 7.51 18.07 -0.42
C PRO A 170 6.86 19.44 -0.38
N VAL A 171 7.40 20.34 -1.20
CA VAL A 171 6.75 21.63 -1.44
C VAL A 171 5.41 21.43 -2.12
N LEU A 172 5.34 20.47 -3.04
CA LEU A 172 4.10 20.16 -3.74
C LEU A 172 4.14 18.72 -4.20
N SER A 173 3.06 17.98 -3.95
CA SER A 173 2.90 16.62 -4.45
C SER A 173 1.87 16.64 -5.56
N LEU A 174 2.29 16.22 -6.76
CA LEU A 174 1.45 16.27 -7.94
C LEU A 174 1.09 14.86 -8.37
N PRO A 175 -0.13 14.38 -8.11
CA PRO A 175 -0.49 13.02 -8.53
C PRO A 175 -0.43 12.87 -10.03
N VAL A 176 0.32 11.86 -10.48
CA VAL A 176 0.43 11.53 -11.90
C VAL A 176 -0.16 10.15 -12.11
N ARG A 177 -1.23 10.07 -12.90
CA ARG A 177 -1.92 8.83 -13.15
C ARG A 177 -1.51 8.22 -14.49
N ARG A 178 -1.81 6.94 -14.64
CA ARG A 178 -1.53 6.24 -15.88
C ARG A 178 -2.28 6.89 -17.03
N GLY A 179 -1.55 7.23 -18.10
CA GLY A 179 -2.14 7.92 -19.23
C GLY A 179 -2.15 9.43 -19.12
N SER A 180 -1.69 9.98 -18.01
CA SER A 180 -1.67 11.42 -17.83
C SER A 180 -0.40 12.02 -18.44
N VAL A 181 -0.54 13.25 -18.93
CA VAL A 181 0.56 14.00 -19.51
C VAL A 181 0.91 15.12 -18.54
N THR A 182 2.20 15.26 -18.25
CA THR A 182 2.69 16.30 -17.35
C THR A 182 3.61 17.24 -18.13
N VAL A 183 3.38 18.54 -18.02
CA VAL A 183 4.17 19.56 -18.70
C VAL A 183 4.72 20.51 -17.64
N LEU A 184 6.04 20.65 -17.62
CA LEU A 184 6.74 21.50 -16.66
C LEU A 184 7.37 22.68 -17.40
N SER A 185 7.24 23.87 -16.83
CA SER A 185 7.80 25.07 -17.43
C SER A 185 7.99 26.13 -16.35
N GLY A 186 8.73 27.17 -16.70
CA GLY A 186 8.86 28.31 -15.80
C GLY A 186 9.46 27.91 -14.46
N TYR A 187 8.80 28.33 -13.39
CA TYR A 187 9.32 28.09 -12.05
C TYR A 187 9.36 26.60 -11.72
N ALA A 188 8.34 25.85 -12.15
CA ALA A 188 8.29 24.43 -11.82
C ALA A 188 9.41 23.64 -12.51
N ALA A 189 9.97 24.18 -13.58
CA ALA A 189 11.03 23.48 -14.31
C ALA A 189 12.42 24.03 -14.05
N ASP A 190 12.54 25.29 -13.66
CA ASP A 190 13.84 25.95 -13.57
C ASP A 190 14.29 26.28 -12.16
N GLU A 191 13.38 26.64 -11.26
CA GLU A 191 13.76 27.17 -9.95
C GLU A 191 13.38 26.26 -8.79
N ILE A 192 12.98 25.02 -9.05
CA ILE A 192 12.69 24.07 -7.99
C ILE A 192 12.98 22.68 -8.52
N THR A 193 13.48 21.82 -7.64
CA THR A 193 13.76 20.45 -8.00
C THR A 193 12.46 19.65 -8.02
N HIS A 194 12.46 18.58 -8.81
CA HIS A 194 11.36 17.64 -8.80
C HIS A 194 11.94 16.24 -8.61
N CYS A 195 11.14 15.38 -8.01
CA CYS A 195 11.60 14.05 -7.67
C CYS A 195 10.40 13.13 -7.61
N ILE A 196 10.67 11.84 -7.49
CA ILE A 196 9.66 10.86 -7.19
C ILE A 196 10.19 10.02 -6.03
N ARG A 197 9.37 9.82 -5.03
CA ARG A 197 9.75 9.18 -3.78
C ARG A 197 9.47 7.68 -3.83
N PRO A 198 10.26 6.90 -3.08
CA PRO A 198 10.02 5.45 -3.05
C PRO A 198 8.64 5.07 -2.57
N GLN A 199 8.08 5.83 -1.62
CA GLN A 199 6.73 5.53 -1.14
C GLN A 199 5.66 5.78 -2.19
N ASP A 200 5.94 6.63 -3.19
CA ASP A 200 4.99 6.85 -4.26
C ASP A 200 4.99 5.74 -5.31
N ILE A 201 6.07 4.97 -5.42
CA ILE A 201 6.14 3.84 -6.34
C ILE A 201 5.81 2.58 -5.54
N LYS A 202 4.53 2.20 -5.57
CA LYS A 202 4.09 0.96 -4.95
C LYS A 202 3.96 -0.18 -5.95
N GLU A 203 3.99 0.12 -7.25
CA GLU A 203 3.99 -0.88 -8.31
C GLU A 203 5.00 -0.47 -9.37
N ARG A 204 5.19 -1.34 -10.36
CA ARG A 204 6.01 -0.97 -11.50
C ARG A 204 5.35 0.19 -12.24
N ARG A 205 6.15 1.22 -12.54
CA ARG A 205 5.68 2.38 -13.28
C ARG A 205 6.73 2.78 -14.32
N ALA A 206 6.27 3.07 -15.53
CA ALA A 206 7.11 3.57 -16.60
C ALA A 206 6.62 4.93 -17.06
N VAL A 207 7.55 5.83 -17.37
CA VAL A 207 7.23 7.17 -17.84
C VAL A 207 8.11 7.46 -19.05
N ILE A 208 7.50 8.01 -20.10
CA ILE A 208 8.22 8.43 -21.30
C ILE A 208 8.40 9.94 -21.22
N ILE A 209 9.65 10.39 -21.25
CA ILE A 209 9.97 11.81 -21.11
C ILE A 209 10.48 12.31 -22.46
N LEU A 210 9.85 13.36 -22.96
CA LEU A 210 10.12 13.90 -24.29
C LEU A 210 10.64 15.33 -24.14
N ARG A 211 11.78 15.62 -24.74
CA ARG A 211 12.44 16.90 -24.53
C ARG A 211 13.07 17.40 -25.83
N LYS A 212 13.54 18.64 -25.78
CA LYS A 212 14.33 19.25 -26.86
C LYS A 212 15.67 19.67 -26.27
N THR A 213 16.76 19.12 -26.81
CA THR A 213 18.08 19.52 -26.39
C THR A 213 18.46 20.85 -27.04
N ARG A 214 19.23 21.65 -26.30
CA ARG A 214 19.65 22.94 -26.81
C ARG A 214 20.66 22.74 -27.95
N LEU A 215 20.78 23.75 -28.80
CA LEU A 215 21.79 23.69 -29.86
C LEU A 215 23.20 23.68 -29.27
N ASP A 216 23.42 24.48 -28.21
CA ASP A 216 24.72 24.58 -27.57
C ASP A 216 24.92 23.53 -26.49
N ALA A 217 24.12 22.47 -26.48
CA ALA A 217 24.20 21.45 -25.45
C ALA A 217 25.54 20.73 -25.56
N PRO A 218 26.35 20.69 -24.49
CA PRO A 218 27.67 20.07 -24.59
C PRO A 218 27.57 18.55 -24.70
N ARG A 219 28.47 17.99 -25.51
CA ARG A 219 28.58 16.54 -25.69
C ARG A 219 29.89 16.04 -25.10
N LEU A 220 29.97 14.73 -24.93
CA LEU A 220 31.19 14.09 -24.45
C LEU A 220 32.28 14.12 -25.52
N GLN C 2 25.33 24.74 38.34
CA GLN C 2 26.30 23.76 38.81
C GLN C 2 26.24 22.50 37.93
N GLN C 3 27.42 22.06 37.46
CA GLN C 3 27.49 20.82 36.68
C GLN C 3 27.12 19.61 37.53
N LEU C 4 27.51 19.62 38.82
CA LEU C 4 27.21 18.48 39.69
C LEU C 4 25.71 18.29 39.86
N GLN C 5 24.96 19.38 40.04
CA GLN C 5 23.52 19.28 40.15
C GLN C 5 22.89 18.79 38.85
N LYS C 6 23.34 19.34 37.72
CA LYS C 6 22.80 18.93 36.43
C LYS C 6 23.12 17.48 36.12
N GLU C 7 24.32 17.02 36.48
CA GLU C 7 24.68 15.62 36.25
C GLU C 7 23.83 14.68 37.09
N GLU C 8 23.44 15.10 38.30
CA GLU C 8 22.60 14.26 39.15
C GLU C 8 21.22 14.09 38.53
N GLU C 9 20.62 15.19 38.08
CA GLU C 9 19.29 15.11 37.48
C GLU C 9 19.31 14.32 36.18
N ALA C 10 20.33 14.55 35.33
CA ALA C 10 20.43 13.79 34.08
C ALA C 10 20.68 12.31 34.35
N ARG C 11 21.47 11.99 35.39
CA ARG C 11 21.68 10.59 35.74
C ARG C 11 20.41 9.95 36.26
N LYS C 12 19.62 10.67 37.04
CA LYS C 12 18.36 10.12 37.54
C LYS C 12 17.40 9.82 36.40
N VAL C 13 17.30 10.72 35.42
CA VAL C 13 16.37 10.50 34.32
C VAL C 13 16.82 9.34 33.44
N LYS C 14 18.12 9.26 33.13
CA LYS C 14 18.62 8.20 32.26
C LYS C 14 18.39 6.81 32.83
N SER C 15 18.32 6.68 34.16
CA SER C 15 18.12 5.37 34.77
C SER C 15 16.77 4.78 34.38
N GLY C 16 15.78 5.62 34.10
CA GLY C 16 14.45 5.16 33.75
C GLY C 16 14.16 5.09 32.26
N ILE C 17 15.16 5.20 31.40
CA ILE C 17 14.96 5.25 29.96
C ILE C 17 15.54 3.99 29.34
N ARG C 18 14.70 3.26 28.60
CA ARG C 18 15.12 2.18 27.71
C ARG C 18 14.70 2.54 26.30
N GLN C 19 15.57 2.26 25.33
CA GLN C 19 15.20 2.54 23.94
C GLN C 19 16.05 1.68 23.01
N MET C 20 15.38 0.96 22.11
CA MET C 20 16.07 0.19 21.09
C MET C 20 15.21 0.15 19.84
N ARG C 21 15.87 0.14 18.69
CA ARG C 21 15.16 -0.03 17.43
C ARG C 21 14.62 -1.45 17.36
N LEU C 22 13.31 -1.57 17.18
CA LEU C 22 12.67 -2.88 17.18
C LEU C 22 11.82 -3.14 15.95
N PHE C 23 11.40 -2.11 15.22
CA PHE C 23 10.57 -2.27 14.04
C PHE C 23 11.38 -1.82 12.84
N SER C 24 11.43 -2.67 11.82
CA SER C 24 12.22 -2.36 10.63
C SER C 24 11.51 -1.29 9.80
N GLN C 25 12.25 -0.77 8.82
CA GLN C 25 11.66 0.23 7.93
C GLN C 25 10.49 -0.36 7.18
N ASP C 26 10.59 -1.63 6.78
CA ASP C 26 9.48 -2.30 6.14
C ASP C 26 8.30 -2.47 7.10
N GLU C 27 8.58 -2.83 8.35
CA GLU C 27 7.49 -3.00 9.32
C GLU C 27 6.85 -1.67 9.70
N CYS C 28 7.65 -0.60 9.77
CA CYS C 28 7.09 0.71 10.04
C CYS C 28 6.10 1.11 8.95
N ALA C 29 6.42 0.84 7.68
CA ALA C 29 5.53 1.19 6.59
C ALA C 29 4.18 0.50 6.72
N LYS C 30 4.18 -0.77 7.13
CA LYS C 30 2.92 -1.48 7.32
C LYS C 30 2.11 -0.86 8.45
N ILE C 31 2.77 -0.53 9.57
CA ILE C 31 2.06 0.10 10.67
C ILE C 31 1.65 1.52 10.30
N GLU C 32 2.53 2.26 9.64
CA GLU C 32 2.21 3.61 9.21
C GLU C 32 1.05 3.63 8.22
N ALA C 33 0.94 2.60 7.38
CA ALA C 33 -0.22 2.49 6.50
C ALA C 33 -1.50 2.30 7.31
N ARG C 34 -1.44 1.51 8.38
CA ARG C 34 -2.60 1.35 9.26
C ARG C 34 -2.92 2.63 10.01
N ILE C 35 -1.90 3.43 10.34
CA ILE C 35 -2.15 4.70 11.02
C ILE C 35 -2.94 5.64 10.10
N ASP C 36 -2.61 5.65 8.81
CA ASP C 36 -3.31 6.50 7.85
C ASP C 36 -4.79 6.13 7.72
N GLU C 37 -5.12 4.84 7.71
CA GLU C 37 -6.52 4.44 7.65
C GLU C 37 -7.27 4.75 8.93
N VAL C 38 -6.58 4.73 10.08
CA VAL C 38 -7.24 5.11 11.32
C VAL C 38 -7.67 6.57 11.27
N VAL C 39 -6.79 7.43 10.72
CA VAL C 39 -7.17 8.83 10.53
C VAL C 39 -8.36 8.92 9.59
N SER C 40 -8.37 8.07 8.55
CA SER C 40 -9.47 8.08 7.58
C SER C 40 -10.81 7.77 8.22
N ARG C 41 -10.86 6.73 9.07
CA ARG C 41 -12.13 6.43 9.73
C ARG C 41 -12.54 7.52 10.70
N ALA C 42 -11.58 8.17 11.36
CA ALA C 42 -11.93 9.24 12.29
C ALA C 42 -12.53 10.42 11.54
N GLU C 43 -11.91 10.83 10.43
CA GLU C 43 -12.47 11.94 9.66
C GLU C 43 -13.72 11.55 8.90
N LYS C 44 -14.01 10.26 8.78
CA LYS C 44 -15.27 9.78 8.24
C LYS C 44 -16.34 9.57 9.30
N GLY C 45 -16.03 9.85 10.56
CA GLY C 45 -16.99 9.72 11.63
C GLY C 45 -17.40 8.31 11.96
N LEU C 46 -16.60 7.31 11.57
CA LEU C 46 -16.93 5.91 11.79
C LEU C 46 -16.50 5.40 13.16
N TYR C 47 -15.80 6.22 13.94
CA TYR C 47 -15.38 5.86 15.28
C TYR C 47 -16.36 6.48 16.29
N ASN C 48 -16.46 5.84 17.45
CA ASN C 48 -17.22 6.43 18.55
C ASN C 48 -16.68 7.83 18.86
N GLU C 49 -17.54 8.65 19.45
CA GLU C 49 -17.23 10.06 19.62
C GLU C 49 -15.93 10.26 20.40
N HIS C 50 -15.81 9.61 21.55
CA HIS C 50 -14.67 9.85 22.43
C HIS C 50 -13.40 9.13 21.99
N THR C 51 -13.48 8.26 20.97
CA THR C 51 -12.28 7.64 20.43
C THR C 51 -11.37 8.68 19.77
N VAL C 52 -11.94 9.72 19.17
CA VAL C 52 -11.19 10.70 18.38
C VAL C 52 -11.12 12.01 19.15
N ASP C 53 -9.89 12.46 19.42
CA ASP C 53 -9.61 13.73 20.07
C ASP C 53 -8.80 14.60 19.12
N ARG C 54 -9.34 15.76 18.76
CA ARG C 54 -8.74 16.63 17.75
C ARG C 54 -8.26 17.95 18.35
N ALA C 55 -7.07 18.36 17.95
CA ALA C 55 -6.44 19.61 18.31
C ALA C 55 -5.80 20.19 17.07
N PRO C 56 -5.45 21.50 17.08
CA PRO C 56 -4.93 22.13 15.85
C PRO C 56 -3.89 21.34 15.08
N LEU C 57 -2.79 20.94 15.73
CA LEU C 57 -1.69 20.25 15.06
C LEU C 57 -1.45 18.86 15.65
N ARG C 58 -2.44 18.27 16.32
CA ARG C 58 -2.24 16.99 16.97
C ARG C 58 -3.59 16.33 17.20
N ASN C 59 -3.75 15.10 16.73
CA ASN C 59 -4.93 14.31 17.03
C ASN C 59 -4.54 13.10 17.87
N LYS C 60 -5.34 12.79 18.88
CA LYS C 60 -5.17 11.60 19.71
C LYS C 60 -6.33 10.64 19.44
N TYR C 61 -6.00 9.38 19.18
CA TYR C 61 -6.99 8.33 18.94
C TYR C 61 -6.89 7.32 20.07
N PHE C 62 -7.93 7.27 20.91
CA PHE C 62 -7.93 6.40 22.10
C PHE C 62 -8.56 5.05 21.78
N PHE C 63 -7.84 3.98 22.08
CA PHE C 63 -8.34 2.63 21.90
C PHE C 63 -8.14 1.83 23.18
N GLY C 64 -9.09 0.96 23.48
CA GLY C 64 -9.07 0.20 24.71
C GLY C 64 -9.49 1.06 25.88
N GLU C 65 -8.70 2.08 26.18
CA GLU C 65 -9.03 3.05 27.22
C GLU C 65 -8.58 4.43 26.78
N GLY C 66 -9.41 5.44 27.07
CA GLY C 66 -9.09 6.82 26.82
C GLY C 66 -9.07 7.60 28.12
N TYR C 67 -8.59 8.84 28.05
CA TYR C 67 -8.45 9.67 29.23
C TYR C 67 -8.81 11.11 28.88
N THR C 68 -9.19 11.87 29.90
CA THR C 68 -9.44 13.30 29.79
C THR C 68 -8.28 14.08 30.39
N TYR C 69 -7.91 15.18 29.75
CA TYR C 69 -6.71 15.90 30.13
C TYR C 69 -6.87 17.39 29.86
N GLY C 70 -6.07 18.18 30.56
CA GLY C 70 -5.95 19.59 30.25
C GLY C 70 -7.27 20.33 30.40
N ALA C 71 -7.63 21.06 29.34
CA ALA C 71 -8.81 21.93 29.37
C ALA C 71 -10.12 21.16 29.51
N GLN C 72 -10.11 19.85 29.27
CA GLN C 72 -11.30 19.03 29.37
C GLN C 72 -11.69 18.72 30.81
N LEU C 73 -10.89 19.16 31.77
CA LEU C 73 -11.14 18.94 33.19
C LEU C 73 -11.83 20.18 33.75
N GLN C 74 -12.84 19.96 34.59
CA GLN C 74 -13.53 21.09 35.21
C GLN C 74 -12.55 21.96 36.00
N LYS C 75 -11.69 21.33 36.81
CA LYS C 75 -10.74 22.02 37.67
C LYS C 75 -9.42 21.26 37.55
N ARG C 76 -8.62 21.56 36.54
CA ARG C 76 -7.43 20.77 36.29
C ARG C 76 -6.47 20.88 37.47
N GLY C 77 -6.06 19.72 37.98
CA GLY C 77 -5.20 19.63 39.13
C GLY C 77 -4.77 18.19 39.33
N PRO C 78 -3.97 17.93 40.37
CA PRO C 78 -3.50 16.57 40.61
C PRO C 78 -4.64 15.60 40.86
N GLY C 79 -4.62 14.48 40.14
CA GLY C 79 -5.63 13.45 40.32
C GLY C 79 -6.93 13.69 39.60
N GLN C 80 -7.03 14.73 38.79
CA GLN C 80 -8.30 15.11 38.18
C GLN C 80 -8.55 14.44 36.84
N GLU C 81 -7.58 13.73 36.28
CA GLU C 81 -7.80 13.01 35.04
C GLU C 81 -8.71 11.81 35.27
N ARG C 82 -9.46 11.44 34.24
CA ARG C 82 -10.41 10.35 34.35
C ARG C 82 -10.37 9.51 33.08
N LEU C 83 -10.69 8.22 33.23
CA LEU C 83 -10.92 7.38 32.07
C LEU C 83 -12.35 7.56 31.57
N TYR C 84 -12.55 7.26 30.30
CA TYR C 84 -13.91 7.26 29.77
C TYR C 84 -14.65 6.03 30.27
N PRO C 85 -15.99 6.09 30.30
CA PRO C 85 -16.77 4.95 30.81
C PRO C 85 -16.50 3.68 30.04
N PRO C 86 -16.70 2.51 30.66
CA PRO C 86 -16.38 1.26 29.98
C PRO C 86 -17.15 1.11 28.68
N GLY C 87 -16.46 0.68 27.64
CA GLY C 87 -17.04 0.50 26.33
C GLY C 87 -17.26 1.78 25.55
N ASP C 88 -16.83 2.93 26.07
CA ASP C 88 -17.01 4.19 25.33
C ASP C 88 -16.09 4.25 24.13
N VAL C 89 -14.77 4.16 24.35
CA VAL C 89 -13.84 4.15 23.25
C VAL C 89 -13.90 2.82 22.52
N ASP C 90 -13.46 2.84 21.25
CA ASP C 90 -13.45 1.65 20.43
C ASP C 90 -12.39 0.66 20.93
N GLU C 91 -12.54 -0.59 20.52
CA GLU C 91 -11.58 -1.63 20.90
C GLU C 91 -10.22 -1.36 20.28
N ILE C 92 -9.20 -1.97 20.89
CA ILE C 92 -7.86 -1.92 20.30
C ILE C 92 -7.88 -2.67 18.96
N PRO C 93 -7.43 -2.06 17.87
CA PRO C 93 -7.52 -2.73 16.56
C PRO C 93 -6.69 -4.00 16.53
N GLU C 94 -7.16 -4.97 15.74
CA GLU C 94 -6.46 -6.24 15.64
C GLU C 94 -5.07 -6.07 15.06
N TRP C 95 -4.89 -5.10 14.16
CA TRP C 95 -3.54 -4.85 13.63
C TRP C 95 -2.61 -4.31 14.70
N VAL C 96 -3.14 -3.58 15.69
CA VAL C 96 -2.31 -3.15 16.81
C VAL C 96 -1.85 -4.36 17.63
N HIS C 97 -2.75 -5.31 17.88
CA HIS C 97 -2.38 -6.50 18.64
C HIS C 97 -1.35 -7.34 17.89
N GLN C 98 -1.61 -7.65 16.63
CA GLN C 98 -0.73 -8.56 15.90
C GLN C 98 0.60 -7.90 15.57
N LEU C 99 0.58 -6.65 15.12
CA LEU C 99 1.80 -6.02 14.61
C LEU C 99 2.62 -5.38 15.73
N VAL C 100 1.97 -4.71 16.67
CA VAL C 100 2.69 -3.94 17.69
C VAL C 100 2.86 -4.75 18.97
N ILE C 101 1.74 -5.13 19.59
CA ILE C 101 1.80 -5.69 20.95
C ILE C 101 2.47 -7.07 20.95
N GLN C 102 2.23 -7.88 19.92
CA GLN C 102 2.86 -9.20 19.88
C GLN C 102 4.37 -9.08 19.88
N LYS C 103 4.90 -8.16 19.08
CA LYS C 103 6.35 -8.03 18.99
C LYS C 103 6.95 -7.57 20.30
N LEU C 104 6.27 -6.64 20.99
CA LEU C 104 6.75 -6.20 22.30
C LEU C 104 6.72 -7.33 23.32
N VAL C 105 5.65 -8.12 23.32
CA VAL C 105 5.56 -9.24 24.25
C VAL C 105 6.59 -10.30 23.92
N GLU C 106 6.77 -10.59 22.63
CA GLU C 106 7.74 -11.60 22.22
C GLU C 106 9.17 -11.19 22.58
N HIS C 107 9.48 -9.89 22.44
CA HIS C 107 10.81 -9.38 22.76
C HIS C 107 10.93 -8.96 24.23
N ARG C 108 10.05 -9.46 25.09
CA ARG C 108 10.15 -9.32 26.55
C ARG C 108 10.07 -7.87 27.02
N VAL C 109 9.52 -6.98 26.20
CA VAL C 109 9.39 -5.58 26.60
C VAL C 109 8.39 -5.44 27.74
N ILE C 110 7.23 -6.08 27.60
CA ILE C 110 6.19 -6.04 28.63
C ILE C 110 5.52 -7.41 28.72
N PRO C 111 4.91 -7.71 29.86
CA PRO C 111 4.23 -9.00 30.00
C PRO C 111 3.02 -9.11 29.09
N GLU C 112 2.68 -10.35 28.76
CA GLU C 112 1.44 -10.60 28.02
C GLU C 112 0.25 -10.27 28.92
N GLY C 113 -0.76 -9.63 28.34
CA GLY C 113 -1.90 -9.17 29.11
C GLY C 113 -1.67 -7.87 29.85
N PHE C 114 -0.50 -7.25 29.69
CA PHE C 114 -0.23 -5.97 30.35
C PHE C 114 -1.02 -4.84 29.71
N VAL C 115 -1.03 -4.77 28.38
CA VAL C 115 -1.58 -3.62 27.68
C VAL C 115 -3.10 -3.74 27.58
N ASN C 116 -3.80 -2.69 28.01
CA ASN C 116 -5.24 -2.57 27.76
C ASN C 116 -5.61 -1.16 27.27
N SER C 117 -4.62 -0.36 26.87
CA SER C 117 -4.85 1.00 26.40
C SER C 117 -3.82 1.34 25.34
N ALA C 118 -4.27 1.59 24.12
CA ALA C 118 -3.41 1.95 23.00
C ALA C 118 -3.85 3.29 22.43
N VAL C 119 -3.00 4.32 22.56
CA VAL C 119 -3.32 5.67 22.12
C VAL C 119 -2.34 6.05 21.00
N ILE C 120 -2.88 6.58 19.90
CA ILE C 120 -2.08 7.04 18.77
C ILE C 120 -2.11 8.56 18.76
N ASN C 121 -0.95 9.18 18.88
CA ASN C 121 -0.80 10.63 18.74
C ASN C 121 -0.28 10.93 17.35
N ASP C 122 -1.06 11.65 16.55
CA ASP C 122 -0.67 12.00 15.19
C ASP C 122 -0.31 13.48 15.16
N TYR C 123 0.96 13.78 14.96
CA TYR C 123 1.46 15.14 14.97
C TYR C 123 1.64 15.62 13.53
N GLN C 124 1.01 16.73 13.19
CA GLN C 124 1.34 17.44 11.97
C GLN C 124 2.57 18.31 12.19
N PRO C 125 3.26 18.71 11.12
CA PRO C 125 4.49 19.49 11.28
C PRO C 125 4.29 20.72 12.17
N GLY C 126 5.19 20.88 13.14
CA GLY C 126 5.09 21.93 14.13
C GLY C 126 4.30 21.57 15.37
N GLY C 127 3.72 20.38 15.44
CA GLY C 127 2.93 19.99 16.58
C GLY C 127 3.78 19.74 17.81
N CYS C 128 3.11 19.66 18.95
CA CYS C 128 3.78 19.48 20.23
C CYS C 128 2.80 18.95 21.25
N ILE C 129 3.32 18.59 22.42
CA ILE C 129 2.50 18.30 23.59
C ILE C 129 3.15 18.92 24.81
N VAL C 130 2.34 19.54 25.66
CA VAL C 130 2.85 20.31 26.79
C VAL C 130 3.39 19.37 27.85
N SER C 131 4.43 19.82 28.55
CA SER C 131 5.10 19.01 29.57
C SER C 131 4.10 18.49 30.60
N HIS C 132 4.19 17.20 30.90
CA HIS C 132 3.23 16.56 31.78
C HIS C 132 3.83 15.27 32.31
N VAL C 133 3.22 14.77 33.38
CA VAL C 133 3.48 13.43 33.88
C VAL C 133 2.26 12.58 33.55
N ASP C 134 2.47 11.44 32.92
CA ASP C 134 1.37 10.53 32.69
C ASP C 134 0.77 10.18 34.06
N PRO C 135 -0.52 10.46 34.28
CA PRO C 135 -1.05 10.47 35.65
C PRO C 135 -0.81 9.16 36.39
N ILE C 136 -0.24 9.28 37.60
CA ILE C 136 0.07 8.11 38.41
C ILE C 136 -1.19 7.41 38.86
N HIS C 137 -2.29 8.14 39.00
CA HIS C 137 -3.57 7.59 39.42
C HIS C 137 -4.31 6.87 38.30
N ILE C 138 -3.85 6.96 37.06
CA ILE C 138 -4.50 6.35 35.91
C ILE C 138 -3.70 5.15 35.39
N PHE C 139 -2.41 5.33 35.15
CA PHE C 139 -1.60 4.36 34.42
C PHE C 139 -0.56 3.70 35.31
N GLU C 140 -0.43 2.39 35.15
CA GLU C 140 0.70 1.66 35.71
C GLU C 140 1.96 1.96 34.91
N ARG C 141 3.08 1.68 35.51
CA ARG C 141 4.34 1.77 34.81
C ARG C 141 4.82 0.40 34.38
N PRO C 142 5.63 0.28 33.32
CA PRO C 142 6.20 1.31 32.45
C PRO C 142 5.26 1.81 31.36
N ILE C 143 5.68 2.86 30.66
CA ILE C 143 4.94 3.44 29.54
C ILE C 143 5.73 3.17 28.27
N VAL C 144 5.11 2.49 27.32
CA VAL C 144 5.76 2.04 26.09
C VAL C 144 5.17 2.81 24.91
N SER C 145 6.04 3.32 24.05
CA SER C 145 5.62 4.07 22.87
C SER C 145 6.54 3.77 21.70
N VAL C 146 5.96 3.66 20.51
CA VAL C 146 6.69 3.37 19.29
C VAL C 146 6.45 4.51 18.31
N SER C 147 7.52 5.07 17.76
CA SER C 147 7.44 6.25 16.91
C SER C 147 7.38 5.87 15.43
N PHE C 148 6.76 6.74 14.64
CA PHE C 148 6.55 6.46 13.23
C PHE C 148 6.54 7.76 12.42
N PHE C 149 6.74 7.60 11.11
CA PHE C 149 6.62 8.64 10.09
C PHE C 149 7.77 9.64 10.08
N SER C 150 8.60 9.67 11.11
CA SER C 150 9.72 10.61 11.19
C SER C 150 10.47 10.39 12.50
N ASP C 151 11.62 11.04 12.62
CA ASP C 151 12.40 11.06 13.84
C ASP C 151 12.18 12.38 14.58
N SER C 152 12.21 12.30 15.90
CA SER C 152 11.99 13.48 16.75
C SER C 152 12.70 13.25 18.08
N ALA C 153 12.38 14.08 19.07
CA ALA C 153 13.00 13.98 20.39
C ALA C 153 11.94 14.10 21.48
N LEU C 154 12.19 13.39 22.58
CA LEU C 154 11.36 13.45 23.78
C LEU C 154 12.15 14.14 24.87
N CYS C 155 11.68 15.31 25.29
CA CYS C 155 12.39 16.13 26.26
C CYS C 155 11.79 15.97 27.65
N PHE C 156 12.61 16.24 28.67
CA PHE C 156 12.24 15.99 30.05
C PHE C 156 12.45 17.24 30.89
N GLY C 157 11.58 17.43 31.88
CA GLY C 157 11.73 18.53 32.80
C GLY C 157 11.59 19.91 32.18
N CYS C 158 10.93 20.01 31.03
CA CYS C 158 10.77 21.29 30.36
C CYS C 158 9.67 22.12 31.00
N LYS C 159 9.86 23.43 30.95
CA LYS C 159 8.85 24.38 31.37
C LYS C 159 8.32 25.09 30.13
N PHE C 160 7.00 25.14 29.99
CA PHE C 160 6.35 25.72 28.82
C PHE C 160 5.81 27.10 29.15
N GLN C 161 6.04 28.05 28.24
CA GLN C 161 5.37 29.34 28.25
C GLN C 161 4.59 29.48 26.95
N PHE C 162 3.54 30.30 27.00
CA PHE C 162 2.58 30.39 25.91
C PHE C 162 2.43 31.83 25.48
N LYS C 163 1.80 31.99 24.32
CA LYS C 163 1.58 33.27 23.65
C LYS C 163 2.91 33.97 23.36
N PRO C 164 3.74 33.43 22.46
CA PRO C 164 3.62 32.16 21.73
C PRO C 164 4.22 31.01 22.51
N ILE C 165 4.16 29.80 21.95
CA ILE C 165 4.69 28.63 22.67
C ILE C 165 6.20 28.77 22.78
N ARG C 166 6.71 28.71 24.01
CA ARG C 166 8.14 28.79 24.28
C ARG C 166 8.50 27.73 25.30
N VAL C 167 9.58 27.00 25.04
CA VAL C 167 10.01 25.88 25.86
C VAL C 167 11.40 26.17 26.40
N SER C 168 11.61 25.89 27.67
CA SER C 168 12.92 26.08 28.28
C SER C 168 13.88 24.98 27.83
N GLU C 169 15.13 25.11 28.25
CA GLU C 169 16.12 24.10 27.93
C GLU C 169 15.78 22.80 28.65
N PRO C 170 15.71 21.67 27.95
CA PRO C 170 15.32 20.42 28.61
C PRO C 170 16.33 19.95 29.63
N VAL C 171 15.83 19.26 30.66
CA VAL C 171 16.71 18.54 31.58
C VAL C 171 17.45 17.44 30.83
N LEU C 172 16.75 16.79 29.88
CA LEU C 172 17.33 15.76 29.05
C LEU C 172 16.56 15.70 27.73
N SER C 173 17.28 15.66 26.62
CA SER C 173 16.69 15.49 25.30
C SER C 173 17.00 14.09 24.80
N LEU C 174 15.95 13.32 24.52
CA LEU C 174 16.10 11.92 24.12
C LEU C 174 15.69 11.75 22.66
N PRO C 175 16.64 11.62 21.74
CA PRO C 175 16.27 11.41 20.34
C PRO C 175 15.49 10.12 20.15
N VAL C 176 14.34 10.22 19.51
CA VAL C 176 13.50 9.06 19.20
C VAL C 176 13.43 8.94 17.68
N ARG C 177 13.89 7.81 17.17
CA ARG C 177 13.95 7.58 15.73
C ARG C 177 12.74 6.76 15.28
N ARG C 178 12.49 6.80 13.98
CA ARG C 178 11.39 6.05 13.41
C ARG C 178 11.58 4.57 13.64
N GLY C 179 10.58 3.93 14.24
CA GLY C 179 10.64 2.52 14.57
C GLY C 179 11.22 2.20 15.93
N SER C 180 11.70 3.19 16.67
CA SER C 180 12.29 2.93 17.98
C SER C 180 11.20 2.88 19.05
N VAL C 181 11.44 2.04 20.06
CA VAL C 181 10.53 1.86 21.18
C VAL C 181 11.15 2.53 22.40
N THR C 182 10.36 3.35 23.10
CA THR C 182 10.82 4.06 24.28
C THR C 182 10.04 3.58 25.49
N VAL C 183 10.76 3.23 26.56
CA VAL C 183 10.17 2.70 27.78
C VAL C 183 10.53 3.61 28.93
N LEU C 184 9.53 4.11 29.64
CA LEU C 184 9.70 5.02 30.75
C LEU C 184 9.31 4.34 32.05
N SER C 185 10.13 4.51 33.09
CA SER C 185 9.84 3.90 34.38
C SER C 185 10.60 4.66 35.45
N GLY C 186 10.22 4.40 36.71
CA GLY C 186 10.95 4.95 37.84
C GLY C 186 10.94 6.46 37.85
N TYR C 187 12.13 7.05 38.02
CA TYR C 187 12.24 8.50 38.10
C TYR C 187 11.84 9.18 36.79
N ALA C 188 12.20 8.58 35.66
CA ALA C 188 11.93 9.19 34.36
C ALA C 188 10.44 9.27 34.06
N ALA C 189 9.61 8.45 34.69
CA ALA C 189 8.18 8.43 34.44
C ALA C 189 7.34 9.09 35.52
N ASP C 190 7.84 9.16 36.76
CA ASP C 190 7.03 9.58 37.89
C ASP C 190 7.43 10.93 38.48
N GLU C 191 8.72 11.28 38.45
CA GLU C 191 9.22 12.43 39.19
C GLU C 191 9.72 13.54 38.28
N ILE C 192 9.46 13.46 36.98
CA ILE C 192 9.84 14.50 36.05
C ILE C 192 8.87 14.47 34.86
N THR C 193 8.57 15.66 34.32
CA THR C 193 7.69 15.76 33.18
C THR C 193 8.44 15.43 31.88
N HIS C 194 7.67 15.02 30.88
CA HIS C 194 8.20 14.83 29.53
C HIS C 194 7.29 15.58 28.55
N CYS C 195 7.86 15.96 27.41
CA CYS C 195 7.15 16.82 26.47
C CYS C 195 7.68 16.57 25.06
N ILE C 196 7.05 17.25 24.10
CA ILE C 196 7.50 17.29 22.71
C ILE C 196 7.60 18.75 22.30
N ARG C 197 8.75 19.12 21.72
CA ARG C 197 8.81 20.53 21.36
C ARG C 197 8.44 20.74 19.90
N PRO C 198 7.85 21.90 19.58
CA PRO C 198 7.49 22.16 18.17
C PRO C 198 8.68 22.11 17.22
N GLN C 199 9.86 22.57 17.67
CA GLN C 199 11.04 22.53 16.83
C GLN C 199 11.50 21.10 16.55
N ASP C 200 11.16 20.15 17.41
CA ASP C 200 11.51 18.76 17.18
C ASP C 200 10.59 18.07 16.18
N ILE C 201 9.38 18.58 15.99
CA ILE C 201 8.43 18.02 15.02
C ILE C 201 8.59 18.87 13.77
N LYS C 202 9.46 18.44 12.86
CA LYS C 202 9.64 19.12 11.58
C LYS C 202 8.88 18.45 10.44
N GLU C 203 8.42 17.22 10.63
CA GLU C 203 7.57 16.53 9.67
C GLU C 203 6.47 15.81 10.42
N ARG C 204 5.56 15.18 9.69
CA ARG C 204 4.51 14.41 10.32
C ARG C 204 5.10 13.23 11.10
N ARG C 205 4.68 13.09 12.35
CA ARG C 205 5.11 12.01 13.22
C ARG C 205 3.93 11.43 13.96
N ALA C 206 3.83 10.10 13.99
CA ALA C 206 2.81 9.41 14.78
C ALA C 206 3.49 8.48 15.76
N VAL C 207 2.92 8.39 16.97
CA VAL C 207 3.45 7.53 18.01
C VAL C 207 2.30 6.73 18.61
N ILE C 208 2.50 5.42 18.73
CA ILE C 208 1.53 4.54 19.37
C ILE C 208 2.01 4.29 20.79
N ILE C 209 1.20 4.68 21.77
CA ILE C 209 1.56 4.59 23.18
C ILE C 209 0.73 3.49 23.82
N LEU C 210 1.40 2.56 24.48
CA LEU C 210 0.76 1.39 25.06
C LEU C 210 0.97 1.40 26.56
N ARG C 211 -0.13 1.29 27.31
CA ARG C 211 -0.10 1.39 28.75
C ARG C 211 -1.06 0.37 29.36
N LYS C 212 -1.01 0.28 30.68
CA LYS C 212 -1.96 -0.49 31.47
C LYS C 212 -2.68 0.47 32.40
N THR C 213 -4.00 0.51 32.30
CA THR C 213 -4.77 1.36 33.21
C THR C 213 -4.80 0.71 34.59
N ARG C 214 -4.80 1.56 35.62
CA ARG C 214 -4.77 1.05 36.98
C ARG C 214 -6.06 0.33 37.35
N LEU C 215 -5.94 -0.50 38.38
CA LEU C 215 -7.09 -1.19 38.95
C LEU C 215 -8.11 -0.19 39.49
N ASP C 216 -7.62 0.82 40.22
CA ASP C 216 -8.45 1.88 40.78
C ASP C 216 -8.54 3.09 39.86
N ALA C 217 -8.27 2.94 38.57
CA ALA C 217 -8.28 4.07 37.68
C ALA C 217 -9.68 4.67 37.62
N PRO C 218 -9.86 5.95 37.95
CA PRO C 218 -11.21 6.51 38.01
C PRO C 218 -11.80 6.73 36.62
N ARG C 219 -13.10 6.51 36.52
CA ARG C 219 -13.85 6.67 35.29
C ARG C 219 -14.76 7.89 35.40
N LEU C 220 -15.25 8.35 34.25
CA LEU C 220 -16.20 9.46 34.20
C LEU C 220 -17.59 9.03 34.66
N GLN E 2 8.99 -2.32 -0.70
CA GLN E 2 10.21 -3.12 -0.82
C GLN E 2 9.91 -4.47 -1.47
N GLN E 3 10.73 -4.82 -2.47
CA GLN E 3 10.60 -6.13 -3.11
C GLN E 3 10.82 -7.25 -2.12
N LEU E 4 11.66 -7.03 -1.10
CA LEU E 4 11.90 -8.07 -0.10
C LEU E 4 10.60 -8.42 0.64
N GLN E 5 9.78 -7.41 0.93
CA GLN E 5 8.49 -7.68 1.55
C GLN E 5 7.60 -8.46 0.59
N LYS E 6 7.59 -8.08 -0.69
CA LYS E 6 6.79 -8.79 -1.67
C LYS E 6 7.27 -10.22 -1.85
N GLU E 7 8.58 -10.43 -1.86
CA GLU E 7 9.12 -11.78 -1.95
C GLU E 7 8.84 -12.58 -0.69
N GLU E 8 8.84 -11.93 0.48
CA GLU E 8 8.60 -12.64 1.73
C GLU E 8 7.15 -13.12 1.82
N GLU E 9 6.19 -12.25 1.51
CA GLU E 9 4.78 -12.64 1.59
C GLU E 9 4.45 -13.71 0.56
N ALA E 10 5.02 -13.60 -0.65
CA ALA E 10 4.78 -14.61 -1.68
C ALA E 10 5.26 -15.98 -1.23
N ARG E 11 6.34 -16.05 -0.44
CA ARG E 11 6.76 -17.34 0.11
C ARG E 11 5.71 -17.89 1.07
N LYS E 12 5.12 -17.03 1.89
CA LYS E 12 4.05 -17.47 2.77
C LYS E 12 2.87 -18.00 1.97
N VAL E 13 2.52 -17.31 0.88
CA VAL E 13 1.44 -17.76 0.03
C VAL E 13 1.80 -19.08 -0.66
N LYS E 14 3.04 -19.19 -1.15
CA LYS E 14 3.47 -20.42 -1.79
C LYS E 14 3.42 -21.59 -0.82
N SER E 15 3.60 -21.33 0.48
CA SER E 15 3.56 -22.41 1.46
C SER E 15 2.18 -23.06 1.52
N GLY E 16 1.14 -22.31 1.23
CA GLY E 16 -0.23 -22.80 1.26
C GLY E 16 -0.82 -23.24 -0.05
N ILE E 17 -0.01 -23.37 -1.10
CA ILE E 17 -0.50 -23.69 -2.44
C ILE E 17 -0.01 -25.08 -2.84
N ARG E 18 -0.95 -25.94 -3.22
CA ARG E 18 -0.67 -27.19 -3.91
C ARG E 18 -1.31 -27.12 -5.29
N GLN E 19 -0.59 -27.62 -6.28
CA GLN E 19 -1.09 -27.60 -7.65
C GLN E 19 -0.45 -28.72 -8.44
N MET E 20 -1.28 -29.53 -9.09
CA MET E 20 -0.79 -30.60 -9.95
C MET E 20 -1.76 -30.79 -11.10
N ARG E 21 -1.20 -31.08 -12.27
CA ARG E 21 -2.01 -31.46 -13.42
C ARG E 21 -2.61 -32.83 -13.16
N LEU E 22 -3.94 -32.92 -13.16
CA LEU E 22 -4.59 -34.16 -12.78
C LEU E 22 -5.59 -34.69 -13.78
N PHE E 23 -6.10 -33.87 -14.70
CA PHE E 23 -7.08 -34.30 -15.68
C PHE E 23 -6.49 -34.23 -17.08
N SER E 24 -6.62 -35.34 -17.81
CA SER E 24 -6.16 -35.41 -19.19
C SER E 24 -7.13 -34.64 -20.09
N GLN E 25 -6.70 -34.44 -21.34
CA GLN E 25 -7.54 -33.73 -22.30
C GLN E 25 -8.85 -34.46 -22.54
N ASP E 26 -8.82 -35.79 -22.60
CA ASP E 26 -10.05 -36.55 -22.81
C ASP E 26 -11.03 -36.35 -21.65
N GLU E 27 -10.53 -36.36 -20.41
CA GLU E 27 -11.43 -36.14 -19.27
C GLU E 27 -11.89 -34.70 -19.19
N CYS E 28 -11.02 -33.75 -19.54
CA CYS E 28 -11.47 -32.36 -19.60
C CYS E 28 -12.58 -32.17 -20.62
N ALA E 29 -12.44 -32.79 -21.79
CA ALA E 29 -13.47 -32.67 -22.81
C ALA E 29 -14.80 -33.24 -22.33
N LYS E 30 -14.75 -34.36 -21.60
CA LYS E 30 -15.97 -34.95 -21.06
C LYS E 30 -16.60 -34.06 -19.99
N ILE E 31 -15.79 -33.51 -19.09
CA ILE E 31 -16.32 -32.65 -18.03
C ILE E 31 -16.81 -31.32 -18.61
N GLU E 32 -16.04 -30.74 -19.54
CA GLU E 32 -16.43 -29.46 -20.13
C GLU E 32 -17.76 -29.57 -20.87
N ALA E 33 -18.02 -30.72 -21.49
CA ALA E 33 -19.33 -30.94 -22.11
C ALA E 33 -20.42 -30.93 -21.04
N ARG E 34 -20.14 -31.47 -19.86
CA ARG E 34 -21.11 -31.42 -18.79
C ARG E 34 -21.34 -29.99 -18.31
N ILE E 35 -20.29 -29.17 -18.30
CA ILE E 35 -20.45 -27.76 -17.92
C ILE E 35 -21.32 -27.04 -18.94
N ASP E 36 -21.12 -27.32 -20.23
CA ASP E 36 -22.01 -26.74 -21.24
C ASP E 36 -23.43 -27.24 -21.05
N GLU E 37 -23.60 -28.48 -20.60
CA GLU E 37 -24.92 -28.99 -20.31
C GLU E 37 -25.54 -28.27 -19.12
N VAL E 38 -24.72 -27.85 -18.15
CA VAL E 38 -25.23 -27.04 -17.04
C VAL E 38 -25.65 -25.66 -17.52
N VAL E 39 -24.83 -25.03 -18.38
CA VAL E 39 -25.16 -23.72 -18.91
C VAL E 39 -26.46 -23.78 -19.72
N SER E 40 -26.61 -24.80 -20.57
CA SER E 40 -27.81 -24.92 -21.37
C SER E 40 -29.03 -25.12 -20.49
N ARG E 41 -28.91 -25.98 -19.47
CA ARG E 41 -30.02 -26.20 -18.55
C ARG E 41 -30.36 -24.95 -17.76
N ALA E 42 -29.34 -24.15 -17.42
CA ALA E 42 -29.58 -22.89 -16.72
C ALA E 42 -30.35 -21.90 -17.59
N GLU E 43 -29.95 -21.74 -18.84
CA GLU E 43 -30.63 -20.84 -19.75
C GLU E 43 -31.99 -21.37 -20.19
N LYS E 44 -32.28 -22.63 -19.91
CA LYS E 44 -33.59 -23.22 -20.15
C LYS E 44 -34.52 -23.04 -18.96
N GLY E 45 -34.05 -22.36 -17.91
CA GLY E 45 -34.88 -22.12 -16.74
C GLY E 45 -35.18 -23.35 -15.92
N LEU E 46 -34.38 -24.40 -16.07
CA LEU E 46 -34.59 -25.67 -15.39
C LEU E 46 -33.98 -25.71 -14.00
N TYR E 47 -33.22 -24.69 -13.60
CA TYR E 47 -32.60 -24.64 -12.29
C TYR E 47 -33.39 -23.71 -11.37
N ASN E 48 -33.31 -23.99 -10.07
CA ASN E 48 -33.88 -23.10 -9.06
C ASN E 48 -33.29 -21.71 -9.21
N GLU E 49 -34.02 -20.72 -8.69
CA GLU E 49 -33.63 -19.33 -8.92
C GLU E 49 -32.21 -19.08 -8.43
N HIS E 50 -31.90 -19.52 -7.21
CA HIS E 50 -30.62 -19.24 -6.58
C HIS E 50 -29.51 -20.16 -7.05
N THR E 51 -29.83 -21.20 -7.82
CA THR E 51 -28.78 -22.04 -8.39
C THR E 51 -27.92 -21.27 -9.39
N VAL E 52 -28.52 -20.34 -10.12
CA VAL E 52 -27.83 -19.63 -11.20
C VAL E 52 -27.65 -18.17 -10.78
N ASP E 53 -26.40 -17.71 -10.77
CA ASP E 53 -26.04 -16.33 -10.50
C ASP E 53 -25.40 -15.76 -11.76
N ARG E 54 -25.99 -14.70 -12.30
CA ARG E 54 -25.60 -14.15 -13.59
C ARG E 54 -24.97 -12.77 -13.42
N ALA E 55 -23.87 -12.54 -14.12
CA ALA E 55 -23.17 -11.27 -14.16
C ALA E 55 -22.76 -11.02 -15.61
N PRO E 56 -22.41 -9.78 -15.97
CA PRO E 56 -22.09 -9.48 -17.38
C PRO E 56 -21.18 -10.48 -18.07
N LEU E 57 -20.01 -10.77 -17.50
CA LEU E 57 -19.05 -11.68 -18.13
C LEU E 57 -18.75 -12.90 -17.28
N ARG E 58 -19.62 -13.23 -16.32
CA ARG E 58 -19.35 -14.36 -15.44
C ARG E 58 -20.64 -14.86 -14.81
N ASN E 59 -20.88 -16.16 -14.91
CA ASN E 59 -21.98 -16.80 -14.22
C ASN E 59 -21.44 -17.75 -13.18
N LYS E 60 -22.03 -17.78 -11.99
CA LYS E 60 -21.66 -18.73 -10.97
C LYS E 60 -22.86 -19.63 -10.74
N TYR E 61 -22.67 -20.95 -10.79
CA TYR E 61 -23.70 -21.97 -10.62
C TYR E 61 -23.45 -22.70 -9.30
N PHE E 62 -24.36 -22.51 -8.35
CA PHE E 62 -24.22 -23.09 -7.01
C PHE E 62 -24.93 -24.43 -6.94
N PHE E 63 -24.20 -25.45 -6.50
CA PHE E 63 -24.76 -26.77 -6.28
C PHE E 63 -24.38 -27.25 -4.89
N GLY E 64 -25.30 -27.96 -4.24
CA GLY E 64 -25.08 -28.40 -2.86
C GLY E 64 -25.27 -27.29 -1.85
N GLU E 65 -24.41 -26.28 -1.90
CA GLU E 65 -24.52 -25.10 -1.05
C GLU E 65 -24.13 -23.87 -1.84
N GLY E 66 -24.88 -22.79 -1.67
CA GLY E 66 -24.57 -21.52 -2.29
C GLY E 66 -24.34 -20.44 -1.25
N TYR E 67 -23.85 -19.29 -1.72
CA TYR E 67 -23.52 -18.18 -0.85
C TYR E 67 -23.88 -16.86 -1.52
N THR E 68 -24.09 -15.84 -0.68
CA THR E 68 -24.35 -14.48 -1.14
C THR E 68 -23.11 -13.64 -0.95
N TYR E 69 -22.85 -12.75 -1.91
CA TYR E 69 -21.60 -12.00 -1.92
C TYR E 69 -21.81 -10.63 -2.55
N GLY E 70 -20.88 -9.73 -2.24
CA GLY E 70 -20.80 -8.45 -2.94
C GLY E 70 -22.03 -7.59 -2.74
N ALA E 71 -22.59 -7.14 -3.85
CA ALA E 71 -23.70 -6.19 -3.83
C ALA E 71 -24.96 -6.77 -3.20
N GLN E 72 -25.05 -8.09 -3.07
CA GLN E 72 -26.22 -8.77 -2.52
C GLN E 72 -26.30 -8.71 -1.00
N LEU E 73 -25.34 -8.09 -0.32
CA LEU E 73 -25.31 -8.07 1.13
C LEU E 73 -25.87 -6.77 1.69
N GLN E 74 -26.80 -6.89 2.65
CA GLN E 74 -27.23 -5.75 3.45
C GLN E 74 -26.16 -5.43 4.47
N LYS E 75 -25.75 -4.16 4.54
CA LYS E 75 -24.64 -3.73 5.39
C LYS E 75 -23.40 -4.59 5.12
N ARG E 76 -22.85 -4.39 3.93
CA ARG E 76 -21.79 -5.24 3.43
C ARG E 76 -20.51 -5.07 4.25
N GLY E 77 -19.96 -6.19 4.70
CA GLY E 77 -18.72 -6.19 5.45
C GLY E 77 -18.25 -7.60 5.72
N PRO E 78 -17.10 -7.73 6.39
CA PRO E 78 -16.62 -9.07 6.76
C PRO E 78 -17.62 -9.76 7.68
N GLY E 79 -17.88 -11.03 7.39
CA GLY E 79 -18.80 -11.82 8.17
C GLY E 79 -20.27 -11.69 7.79
N GLN E 80 -20.58 -10.96 6.72
CA GLN E 80 -21.95 -10.76 6.28
C GLN E 80 -22.42 -11.78 5.25
N GLU E 81 -21.53 -12.65 4.76
CA GLU E 81 -21.95 -13.66 3.81
C GLU E 81 -22.84 -14.70 4.47
N ARG E 82 -23.75 -15.26 3.68
CA ARG E 82 -24.74 -16.20 4.19
C ARG E 82 -24.90 -17.34 3.19
N LEU E 83 -25.26 -18.51 3.72
CA LEU E 83 -25.68 -19.59 2.86
C LEU E 83 -27.16 -19.40 2.49
N TYR E 84 -27.54 -19.98 1.36
CA TYR E 84 -28.95 -19.99 1.00
C TYR E 84 -29.69 -20.97 1.88
N PRO E 85 -31.01 -20.81 2.02
CA PRO E 85 -31.76 -21.71 2.89
C PRO E 85 -31.61 -23.14 2.45
N PRO E 86 -31.73 -24.10 3.37
CA PRO E 86 -31.52 -25.51 3.01
C PRO E 86 -32.46 -25.93 1.89
N GLY E 87 -31.91 -26.64 0.91
CA GLY E 87 -32.67 -27.09 -0.22
C GLY E 87 -32.96 -26.03 -1.26
N ASP E 88 -32.42 -24.83 -1.11
CA ASP E 88 -32.69 -23.76 -2.08
C ASP E 88 -31.96 -24.02 -3.39
N VAL E 89 -30.63 -24.07 -3.35
CA VAL E 89 -29.86 -24.36 -4.57
C VAL E 89 -29.98 -25.84 -4.91
N ASP E 90 -29.74 -26.16 -6.17
CA ASP E 90 -29.86 -27.54 -6.61
C ASP E 90 -28.75 -28.39 -5.99
N GLU E 91 -29.02 -29.69 -5.91
CA GLU E 91 -28.02 -30.60 -5.36
C GLU E 91 -26.84 -30.74 -6.32
N ILE E 92 -25.72 -31.20 -5.79
CA ILE E 92 -24.54 -31.41 -6.63
C ILE E 92 -24.85 -32.47 -7.67
N PRO E 93 -24.62 -32.21 -8.96
CA PRO E 93 -24.93 -33.21 -9.98
C PRO E 93 -24.06 -34.45 -9.79
N GLU E 94 -24.63 -35.60 -10.19
CA GLU E 94 -23.91 -36.86 -10.02
C GLU E 94 -22.63 -36.90 -10.86
N TRP E 95 -22.62 -36.24 -12.02
CA TRP E 95 -21.40 -36.21 -12.82
C TRP E 95 -20.30 -35.44 -12.11
N VAL E 96 -20.66 -34.42 -11.31
CA VAL E 96 -19.65 -33.77 -10.48
C VAL E 96 -19.11 -34.76 -9.46
N HIS E 97 -20.00 -35.56 -8.86
CA HIS E 97 -19.58 -36.57 -7.91
C HIS E 97 -18.70 -37.61 -8.59
N GLN E 98 -19.15 -38.14 -9.73
CA GLN E 98 -18.44 -39.24 -10.38
C GLN E 98 -17.15 -38.76 -11.02
N LEU E 99 -17.18 -37.65 -11.74
CA LEU E 99 -16.03 -37.23 -12.53
C LEU E 99 -15.03 -36.40 -11.74
N VAL E 100 -15.50 -35.47 -10.91
CA VAL E 100 -14.61 -34.52 -10.25
C VAL E 100 -14.24 -35.03 -8.87
N ILE E 101 -15.24 -35.20 -8.01
CA ILE E 101 -14.98 -35.45 -6.59
C ILE E 101 -14.34 -36.81 -6.38
N GLN E 102 -14.76 -37.83 -7.15
CA GLN E 102 -14.25 -39.17 -6.94
C GLN E 102 -12.75 -39.26 -7.18
N LYS E 103 -12.26 -38.63 -8.26
CA LYS E 103 -10.84 -38.66 -8.56
C LYS E 103 -10.03 -37.92 -7.50
N LEU E 104 -10.56 -36.80 -7.00
CA LEU E 104 -9.86 -36.07 -5.94
C LEU E 104 -9.76 -36.89 -4.66
N VAL E 105 -10.84 -37.60 -4.30
CA VAL E 105 -10.82 -38.44 -3.10
C VAL E 105 -9.86 -39.61 -3.30
N GLU E 106 -9.86 -40.21 -4.49
CA GLU E 106 -8.98 -41.35 -4.75
C GLU E 106 -7.51 -40.94 -4.69
N HIS E 107 -7.19 -39.74 -5.18
CA HIS E 107 -5.82 -39.24 -5.18
C HIS E 107 -5.47 -38.48 -3.90
N ARG E 108 -6.23 -38.70 -2.82
CA ARG E 108 -5.92 -38.18 -1.50
C ARG E 108 -5.89 -36.66 -1.44
N VAL E 109 -6.56 -35.98 -2.38
CA VAL E 109 -6.60 -34.53 -2.35
C VAL E 109 -7.44 -34.05 -1.16
N ILE E 110 -8.60 -34.65 -0.97
CA ILE E 110 -9.47 -34.34 0.17
C ILE E 110 -10.14 -35.61 0.64
N PRO E 111 -10.57 -35.63 1.91
CA PRO E 111 -11.25 -36.82 2.44
C PRO E 111 -12.60 -37.06 1.76
N GLU E 112 -13.03 -38.32 1.80
CA GLU E 112 -14.36 -38.65 1.32
C GLU E 112 -15.41 -38.04 2.23
N GLY E 113 -16.48 -37.51 1.62
CA GLY E 113 -17.49 -36.80 2.37
C GLY E 113 -17.13 -35.38 2.72
N PHE E 114 -15.96 -34.90 2.27
CA PHE E 114 -15.56 -33.53 2.56
C PHE E 114 -16.40 -32.53 1.79
N VAL E 115 -16.64 -32.79 0.50
CA VAL E 115 -17.28 -31.81 -0.37
C VAL E 115 -18.79 -31.86 -0.17
N ASN E 116 -19.39 -30.69 0.08
CA ASN E 116 -20.83 -30.55 0.07
C ASN E 116 -21.27 -29.33 -0.74
N SER E 117 -20.37 -28.74 -1.51
CA SER E 117 -20.66 -27.55 -2.28
C SER E 117 -19.81 -27.56 -3.55
N ALA E 118 -20.48 -27.57 -4.70
CA ALA E 118 -19.80 -27.53 -6.00
C ALA E 118 -20.28 -26.28 -6.73
N VAL E 119 -19.38 -25.32 -6.93
CA VAL E 119 -19.69 -24.05 -7.56
C VAL E 119 -18.90 -23.96 -8.86
N ILE E 120 -19.59 -23.64 -9.95
CA ILE E 120 -18.98 -23.50 -11.27
C ILE E 120 -18.97 -22.02 -11.63
N ASN E 121 -17.78 -21.49 -11.87
CA ASN E 121 -17.62 -20.11 -12.36
C ASN E 121 -17.32 -20.17 -13.86
N ASP E 122 -18.19 -19.55 -14.66
CA ASP E 122 -18.06 -19.53 -16.11
C ASP E 122 -17.63 -18.15 -16.56
N TYR E 123 -16.39 -18.04 -17.05
CA TYR E 123 -15.82 -16.76 -17.49
C TYR E 123 -15.84 -16.67 -19.01
N GLN E 124 -16.41 -15.59 -19.52
CA GLN E 124 -16.21 -15.23 -20.91
C GLN E 124 -14.89 -14.48 -21.05
N PRO E 125 -14.32 -14.41 -22.25
CA PRO E 125 -13.05 -13.69 -22.42
C PRO E 125 -13.17 -12.27 -21.89
N GLY E 126 -12.19 -11.89 -21.06
CA GLY E 126 -12.22 -10.62 -20.36
C GLY E 126 -12.87 -10.65 -18.99
N GLY E 127 -13.40 -11.79 -18.57
CA GLY E 127 -14.05 -11.88 -17.27
C GLY E 127 -13.04 -11.82 -16.14
N CYS E 128 -13.56 -11.60 -14.92
CA CYS E 128 -12.70 -11.44 -13.76
C CYS E 128 -13.53 -11.68 -12.50
N ILE E 129 -12.84 -11.75 -11.36
CA ILE E 129 -13.49 -11.74 -10.05
C ILE E 129 -12.67 -10.85 -9.11
N VAL E 130 -13.37 -10.04 -8.33
CA VAL E 130 -12.71 -9.06 -7.49
C VAL E 130 -12.03 -9.76 -6.31
N SER E 131 -10.89 -9.18 -5.88
CA SER E 131 -10.08 -9.76 -4.82
C SER E 131 -10.92 -10.01 -3.56
N HIS E 132 -10.75 -11.21 -3.00
CA HIS E 132 -11.56 -11.62 -1.85
C HIS E 132 -10.88 -12.78 -1.16
N VAL E 133 -11.29 -13.00 0.08
CA VAL E 133 -10.97 -14.21 0.84
C VAL E 133 -12.26 -14.99 0.96
N ASP E 134 -12.21 -16.28 0.62
CA ASP E 134 -13.38 -17.13 0.82
C ASP E 134 -13.79 -17.05 2.28
N PRO E 135 -14.98 -16.51 2.58
CA PRO E 135 -15.42 -16.23 3.96
C PRO E 135 -15.07 -17.27 5.00
N ILE E 136 -14.25 -16.90 5.98
CA ILE E 136 -13.76 -17.84 6.99
C ILE E 136 -14.91 -18.36 7.85
N HIS E 137 -15.98 -17.56 8.01
CA HIS E 137 -17.10 -18.00 8.82
C HIS E 137 -18.03 -18.94 8.09
N ILE E 138 -17.83 -19.14 6.79
CA ILE E 138 -18.70 -19.98 5.97
C ILE E 138 -18.01 -21.29 5.58
N PHE E 139 -16.81 -21.17 5.06
CA PHE E 139 -16.11 -22.32 4.60
C PHE E 139 -14.92 -22.84 5.38
N GLU E 140 -14.89 -24.16 5.48
CA GLU E 140 -13.71 -24.81 6.02
C GLU E 140 -12.60 -24.81 4.98
N ARG E 141 -11.38 -25.03 5.43
CA ARG E 141 -10.28 -25.20 4.51
C ARG E 141 -9.92 -26.67 4.40
N PRO E 142 -9.29 -27.10 3.29
CA PRO E 142 -8.82 -26.36 2.13
C PRO E 142 -9.88 -26.05 1.08
N ILE E 143 -9.50 -25.21 0.11
CA ILE E 143 -10.36 -24.83 -1.00
C ILE E 143 -9.77 -25.43 -2.26
N VAL E 144 -10.53 -26.30 -2.94
CA VAL E 144 -10.06 -27.02 -4.11
C VAL E 144 -10.82 -26.53 -5.32
N SER E 145 -10.10 -26.25 -6.40
CA SER E 145 -10.70 -25.77 -7.65
C SER E 145 -9.99 -26.40 -8.83
N VAL E 146 -10.76 -26.78 -9.84
CA VAL E 146 -10.24 -27.38 -11.07
C VAL E 146 -10.67 -26.51 -12.24
N SER E 147 -9.71 -26.11 -13.06
CA SER E 147 -9.96 -25.18 -14.16
C SER E 147 -10.20 -25.94 -15.47
N PHE E 148 -10.92 -25.28 -16.38
CA PHE E 148 -11.33 -25.91 -17.62
C PHE E 148 -11.39 -24.88 -18.74
N PHE E 149 -11.39 -25.40 -19.97
CA PHE E 149 -11.60 -24.71 -21.24
C PHE E 149 -10.43 -23.84 -21.70
N SER E 150 -9.46 -23.60 -20.83
CA SER E 150 -8.32 -22.74 -21.21
C SER E 150 -7.36 -22.65 -20.03
N ASP E 151 -6.21 -22.06 -20.30
CA ASP E 151 -5.22 -21.74 -19.29
C ASP E 151 -5.36 -20.28 -18.88
N SER E 152 -5.12 -20.01 -17.60
CA SER E 152 -5.21 -18.67 -17.05
C SER E 152 -4.32 -18.60 -15.83
N ALA E 153 -4.48 -17.56 -15.03
CA ALA E 153 -3.70 -17.37 -13.81
C ALA E 153 -4.60 -16.96 -12.67
N LEU E 154 -4.23 -17.40 -11.46
CA LEU E 154 -4.90 -16.99 -10.24
C LEU E 154 -3.92 -16.11 -9.47
N CYS E 155 -4.25 -14.84 -9.33
CA CYS E 155 -3.38 -13.87 -8.69
C CYS E 155 -3.80 -13.61 -7.26
N PHE E 156 -2.84 -13.16 -6.46
CA PHE E 156 -3.04 -12.97 -5.03
C PHE E 156 -2.63 -11.57 -4.63
N GLY E 157 -3.32 -11.02 -3.64
CA GLY E 157 -2.98 -9.71 -3.12
C GLY E 157 -3.20 -8.57 -4.07
N CYS E 158 -4.09 -8.73 -5.05
CA CYS E 158 -4.35 -7.67 -6.02
C CYS E 158 -5.31 -6.63 -5.45
N LYS E 159 -5.12 -5.39 -5.90
CA LYS E 159 -6.02 -4.28 -5.60
C LYS E 159 -6.78 -3.92 -6.87
N PHE E 160 -8.10 -3.79 -6.76
CA PHE E 160 -8.95 -3.50 -7.89
C PHE E 160 -9.37 -2.04 -7.88
N GLN E 161 -9.30 -1.39 -9.04
CA GLN E 161 -9.87 -0.07 -9.26
C GLN E 161 -10.91 -0.17 -10.37
N PHE E 162 -11.89 0.73 -10.35
CA PHE E 162 -13.05 0.60 -11.22
C PHE E 162 -13.31 1.88 -12.00
N LYS E 163 -14.13 1.73 -13.05
CA LYS E 163 -14.54 2.77 -13.99
C LYS E 163 -13.33 3.42 -14.66
N PRO E 164 -12.58 2.69 -15.50
CA PRO E 164 -12.73 1.26 -15.82
C PRO E 164 -11.96 0.35 -14.87
N ILE E 165 -12.11 -0.96 -15.04
CA ILE E 165 -11.46 -1.92 -14.15
C ILE E 165 -9.96 -1.95 -14.43
N ARG E 166 -9.17 -1.72 -13.37
CA ARG E 166 -7.71 -1.77 -13.43
C ARG E 166 -7.21 -2.54 -12.22
N VAL E 167 -6.26 -3.46 -12.43
CA VAL E 167 -5.76 -4.33 -11.39
C VAL E 167 -4.27 -4.05 -11.18
N SER E 168 -3.87 -3.98 -9.91
CA SER E 168 -2.48 -3.74 -9.55
C SER E 168 -1.64 -4.98 -9.78
N GLU E 169 -0.33 -4.83 -9.59
CA GLU E 169 0.57 -5.96 -9.74
C GLU E 169 0.32 -6.96 -8.61
N PRO E 170 0.06 -8.23 -8.91
CA PRO E 170 -0.22 -9.20 -7.86
C PRO E 170 0.98 -9.47 -6.96
N VAL E 171 0.68 -9.81 -5.70
CA VAL E 171 1.72 -10.31 -4.80
C VAL E 171 2.27 -11.62 -5.33
N LEU E 172 1.41 -12.45 -5.92
CA LEU E 172 1.83 -13.72 -6.51
C LEU E 172 0.87 -14.09 -7.62
N SER E 173 1.41 -14.47 -8.77
CA SER E 173 0.63 -14.95 -9.90
C SER E 173 0.85 -16.45 -10.05
N LEU E 174 -0.24 -17.22 -9.95
CA LEU E 174 -0.15 -18.68 -9.99
C LEU E 174 -0.79 -19.18 -11.28
N PRO E 175 0.00 -19.54 -12.30
CA PRO E 175 -0.60 -20.03 -13.54
C PRO E 175 -1.37 -21.34 -13.32
N VAL E 176 -2.62 -21.35 -13.76
CA VAL E 176 -3.49 -22.52 -13.65
C VAL E 176 -3.84 -22.96 -15.06
N ARG E 177 -3.45 -24.19 -15.40
CA ARG E 177 -3.66 -24.74 -16.73
C ARG E 177 -4.91 -25.60 -16.78
N ARG E 178 -5.40 -25.82 -18.00
CA ARG E 178 -6.58 -26.65 -18.19
C ARG E 178 -6.31 -28.07 -17.69
N GLY E 179 -7.18 -28.56 -16.82
CA GLY E 179 -7.01 -29.86 -16.20
C GLY E 179 -6.20 -29.85 -14.92
N SER E 180 -5.66 -28.71 -14.51
CA SER E 180 -4.88 -28.62 -13.29
C SER E 180 -5.78 -28.39 -12.08
N VAL E 181 -5.39 -28.94 -10.95
CA VAL E 181 -6.11 -28.80 -9.68
C VAL E 181 -5.29 -27.90 -8.76
N THR E 182 -5.96 -26.91 -8.18
CA THR E 182 -5.32 -25.98 -7.25
C THR E 182 -5.97 -26.12 -5.88
N VAL E 183 -5.13 -26.26 -4.84
CA VAL E 183 -5.59 -26.42 -3.46
C VAL E 183 -4.98 -25.29 -2.62
N LEU E 184 -5.84 -24.52 -1.94
CA LEU E 184 -5.42 -23.39 -1.13
C LEU E 184 -5.69 -23.67 0.35
N SER E 185 -4.70 -23.31 1.18
CA SER E 185 -4.78 -23.52 2.62
C SER E 185 -3.80 -22.56 3.30
N GLY E 186 -3.93 -22.45 4.61
CA GLY E 186 -2.99 -21.65 5.39
C GLY E 186 -3.00 -20.19 5.00
N TYR E 187 -1.80 -19.65 4.75
CA TYR E 187 -1.67 -18.23 4.47
C TYR E 187 -2.35 -17.86 3.15
N ALA E 188 -2.23 -18.73 2.14
CA ALA E 188 -2.80 -18.43 0.83
C ALA E 188 -4.33 -18.39 0.85
N ALA E 189 -4.97 -19.04 1.82
CA ALA E 189 -6.43 -19.09 1.88
C ALA E 189 -7.02 -18.15 2.93
N ASP E 190 -6.27 -17.82 3.97
CA ASP E 190 -6.79 -17.06 5.10
C ASP E 190 -6.20 -15.67 5.22
N GLU E 191 -4.96 -15.45 4.80
CA GLU E 191 -4.23 -14.22 5.11
C GLU E 191 -3.98 -13.36 3.88
N ILE E 192 -4.52 -13.72 2.72
CA ILE E 192 -4.35 -12.92 1.52
C ILE E 192 -5.52 -13.15 0.58
N THR E 193 -5.89 -12.11 -0.17
CA THR E 193 -6.95 -12.21 -1.15
C THR E 193 -6.44 -12.86 -2.43
N HIS E 194 -7.36 -13.47 -3.16
CA HIS E 194 -7.09 -14.01 -4.48
C HIS E 194 -8.16 -13.52 -5.45
N CYS E 195 -7.79 -13.41 -6.73
CA CYS E 195 -8.66 -12.82 -7.72
C CYS E 195 -8.30 -13.35 -9.10
N ILE E 196 -9.06 -12.91 -10.10
CA ILE E 196 -8.75 -13.15 -11.51
C ILE E 196 -8.73 -11.80 -12.21
N ARG E 197 -7.69 -11.58 -12.98
CA ARG E 197 -7.67 -10.29 -13.66
C ARG E 197 -8.22 -10.44 -15.07
N PRO E 198 -8.81 -9.37 -15.63
CA PRO E 198 -9.39 -9.48 -16.99
C PRO E 198 -8.39 -9.90 -18.05
N GLN E 199 -7.14 -9.44 -17.97
CA GLN E 199 -6.15 -9.83 -18.96
C GLN E 199 -5.78 -11.30 -18.86
N ASP E 200 -6.03 -11.94 -17.71
CA ASP E 200 -5.71 -13.35 -17.57
C ASP E 200 -6.73 -14.25 -18.26
N ILE E 201 -7.94 -13.76 -18.48
CA ILE E 201 -8.98 -14.50 -19.17
C ILE E 201 -9.00 -14.02 -20.61
N LYS E 202 -8.25 -14.71 -21.47
CA LYS E 202 -8.22 -14.40 -22.89
C LYS E 202 -9.16 -15.27 -23.71
N GLU E 203 -9.65 -16.36 -23.13
CA GLU E 203 -10.66 -17.21 -23.76
C GLU E 203 -11.68 -17.57 -22.68
N ARG E 204 -12.72 -18.29 -23.07
CA ARG E 204 -13.66 -18.78 -22.08
C ARG E 204 -12.96 -19.72 -21.13
N ARG E 205 -13.14 -19.50 -19.83
CA ARG E 205 -12.56 -20.36 -18.82
C ARG E 205 -13.63 -20.67 -17.79
N ALA E 206 -13.76 -21.95 -17.45
CA ALA E 206 -14.67 -22.39 -16.40
C ALA E 206 -13.88 -23.12 -15.33
N VAL E 207 -14.25 -22.90 -14.08
CA VAL E 207 -13.58 -23.53 -12.94
C VAL E 207 -14.64 -24.09 -12.01
N ILE E 208 -14.45 -25.34 -11.60
CA ILE E 208 -15.33 -25.99 -10.63
C ILE E 208 -14.65 -25.94 -9.27
N ILE E 209 -15.31 -25.32 -8.31
CA ILE E 209 -14.76 -25.13 -6.98
C ILE E 209 -15.56 -25.98 -6.00
N LEU E 210 -14.85 -26.79 -5.22
CA LEU E 210 -15.46 -27.72 -4.28
C LEU E 210 -15.01 -27.33 -2.87
N ARG E 211 -15.98 -27.15 -1.98
CA ARG E 211 -15.68 -26.70 -0.63
C ARG E 211 -16.57 -27.42 0.36
N LYS E 212 -16.26 -27.25 1.64
CA LYS E 212 -17.09 -27.76 2.73
C LYS E 212 -17.54 -26.57 3.57
N THR E 213 -18.86 -26.41 3.69
CA THR E 213 -19.39 -25.36 4.53
C THR E 213 -19.27 -25.74 6.00
N ARG E 214 -19.04 -24.73 6.83
CA ARG E 214 -18.88 -24.97 8.26
C ARG E 214 -20.21 -25.43 8.86
N LEU E 215 -20.11 -26.13 9.99
CA LEU E 215 -21.31 -26.54 10.70
C LEU E 215 -22.10 -25.34 11.20
N ASP E 216 -21.40 -24.33 11.71
CA ASP E 216 -22.01 -23.12 12.24
C ASP E 216 -22.18 -22.03 11.17
N ALA E 217 -22.14 -22.40 9.90
CA ALA E 217 -22.24 -21.43 8.80
C ALA E 217 -23.61 -20.77 8.81
N PRO E 218 -23.69 -19.44 8.89
CA PRO E 218 -25.00 -18.78 8.96
C PRO E 218 -25.76 -18.85 7.64
N ARG E 219 -27.08 -18.98 7.75
CA ARG E 219 -28.00 -19.08 6.63
C ARG E 219 -28.86 -17.82 6.54
N LEU E 220 -29.49 -17.64 5.39
CA LEU E 220 -30.45 -16.56 5.20
C LEU E 220 -31.74 -16.90 5.93
#